data_8JD7
#
_entry.id   8JD7
#
_cell.length_a   71.176
_cell.length_b   70.496
_cell.length_c   103.003
_cell.angle_alpha   90.00
_cell.angle_beta   107.53
_cell.angle_gamma   90.00
#
_symmetry.space_group_name_H-M   'P 1 21 1'
#
loop_
_entity.id
_entity.type
_entity.pdbx_description
1 polymer endo-1,3-fucanase
2 water water
#
_entity_poly.entity_id   1
_entity_poly.type   'polypeptide(L)'
_entity_poly.pdbx_seq_one_letter_code
;MGMFLFTHKTSAQNIENLSIHQSPTEALDSTFFHHVPLKDYGNLITPSNNTTFTTNYEPSGSSWGEVLDEQNVYLARLKH
ISNSNNTWDLRIGKGGQIYSFIGPYGEGVPPSSKSHSQWNDEVWQPVSVSGSLNNGDQNDELKEGATNAGLKYFIHGAGT
YLTEGLDTPFYSPLMASYYNPTEKAYYVTNWGAQAHLPSLFKSGVLYTTKYKDIGEGILEVTYVIENFGTDTLDHLNIPW
GGVRSSSLRGKFVSRPGGDIEIIYGQTGTDNAGDLEDIDATGGYVIYAQDTLSASSPALGIVFGDKILTEEFSDHDLTRI
YYRSAQVGGDTNPRDYTLFTTIAKIDVKPKDIFYYRIYYINGTREEVQEKANKIKSEVAYGFITPTIENTSMVTIKNEEL
DDALNQDIQLFTSPVKGMVPIFLMRNTTTGKEYISPDLYYDIDTFPFSNPYEEDSPKYETYQNRITYRQYNGKIEYIRLL
GYASNEDLSNEETQYTLLDNLIVDNTKVVLTTEYLNKLWVPLYHHHHHH
;
_entity_poly.pdbx_strand_id   A,B
#
# COMPACT_ATOMS: atom_id res chain seq x y z
N ASN A 14 2.53 32.64 -10.69
CA ASN A 14 2.57 32.10 -9.34
C ASN A 14 3.01 30.62 -9.34
N ILE A 15 3.20 30.02 -10.52
CA ILE A 15 3.98 28.80 -10.64
C ILE A 15 5.37 29.20 -11.12
N GLU A 16 6.30 29.35 -10.18
CA GLU A 16 7.65 29.76 -10.52
C GLU A 16 8.41 28.63 -11.21
N ASN A 17 9.42 29.02 -11.99
CA ASN A 17 10.36 28.07 -12.55
C ASN A 17 11.34 27.62 -11.47
N LEU A 18 11.67 26.34 -11.49
CA LEU A 18 12.76 25.82 -10.67
C LEU A 18 13.84 25.31 -11.63
N SER A 19 15.00 25.96 -11.63
CA SER A 19 16.11 25.49 -12.45
C SER A 19 16.66 24.20 -11.87
N ILE A 20 16.91 23.22 -12.74
CA ILE A 20 17.39 21.94 -12.22
C ILE A 20 18.79 22.07 -11.63
N HIS A 21 19.52 23.12 -11.98
CA HIS A 21 20.85 23.32 -11.42
C HIS A 21 20.88 24.44 -10.37
N GLN A 22 19.72 24.76 -9.79
CA GLN A 22 19.69 25.47 -8.51
C GLN A 22 20.15 24.48 -7.45
N SER A 23 21.38 24.61 -6.99
CA SER A 23 21.89 23.65 -6.03
C SER A 23 21.19 23.82 -4.70
N PRO A 24 20.87 22.73 -4.00
CA PRO A 24 20.35 22.88 -2.63
C PRO A 24 21.25 23.71 -1.74
N THR A 25 22.57 23.71 -2.00
CA THR A 25 23.48 24.48 -1.16
C THR A 25 23.26 25.98 -1.28
N GLU A 26 22.55 26.44 -2.31
CA GLU A 26 22.30 27.87 -2.48
C GLU A 26 21.29 28.39 -1.47
N ALA A 27 20.59 27.51 -0.77
CA ALA A 27 19.65 27.87 0.30
C ALA A 27 18.54 28.78 -0.21
N LEU A 28 18.03 28.48 -1.42
CA LEU A 28 16.97 29.26 -2.06
C LEU A 28 15.64 28.52 -2.17
N ASP A 29 15.51 27.32 -1.59
CA ASP A 29 14.33 26.49 -1.86
C ASP A 29 13.18 26.82 -0.91
N SER A 30 12.72 28.07 -0.97
CA SER A 30 11.79 28.55 0.05
C SER A 30 10.49 27.75 0.04
N THR A 31 9.95 27.42 -1.12
CA THR A 31 8.63 26.79 -1.14
C THR A 31 8.67 25.32 -0.75
N PHE A 32 9.86 24.73 -0.56
CA PHE A 32 9.96 23.33 -0.16
C PHE A 32 9.79 23.14 1.32
N PHE A 33 9.47 24.18 2.10
CA PHE A 33 9.38 24.05 3.55
C PHE A 33 8.09 24.62 4.09
N HIS A 34 7.10 24.86 3.22
CA HIS A 34 5.81 25.36 3.67
C HIS A 34 5.12 24.42 4.65
N HIS A 35 5.45 23.12 4.62
CA HIS A 35 4.80 22.16 5.48
C HIS A 35 5.42 22.05 6.87
N VAL A 36 6.51 22.77 7.14
CA VAL A 36 7.12 22.69 8.47
C VAL A 36 6.34 23.58 9.43
N PRO A 37 5.86 23.04 10.57
CA PRO A 37 5.07 23.86 11.49
C PRO A 37 5.84 25.10 11.94
N LEU A 38 5.12 26.21 12.06
CA LEU A 38 5.72 27.48 12.48
C LEU A 38 5.13 27.85 13.83
N LYS A 39 6.00 28.04 14.83
CA LYS A 39 5.57 28.34 16.18
C LYS A 39 5.61 29.86 16.42
N ASP A 40 4.50 30.41 16.91
CA ASP A 40 4.41 31.81 17.31
C ASP A 40 4.50 31.88 18.84
N TYR A 41 5.45 32.67 19.34
CA TYR A 41 5.68 32.78 20.77
C TYR A 41 5.02 34.00 21.39
N GLY A 42 4.32 34.81 20.59
CA GLY A 42 3.83 36.09 21.11
C GLY A 42 4.95 36.89 21.71
N ASN A 43 4.77 37.31 22.96
CA ASN A 43 5.79 38.06 23.68
C ASN A 43 6.50 37.23 24.75
N LEU A 44 6.52 35.90 24.58
CA LEU A 44 7.21 35.05 25.55
C LEU A 44 8.73 35.19 25.46
N ILE A 45 9.26 35.38 24.25
CA ILE A 45 10.69 35.36 24.00
C ILE A 45 11.11 36.68 23.37
N THR A 46 12.25 37.21 23.80
CA THR A 46 12.85 38.37 23.17
C THR A 46 13.66 37.93 21.96
N PRO A 47 13.30 38.35 20.75
CA PRO A 47 14.00 37.84 19.57
C PRO A 47 15.45 38.27 19.52
N SER A 48 16.23 37.55 18.71
CA SER A 48 17.63 37.92 18.48
C SER A 48 17.74 39.23 17.71
N ASN A 49 18.64 40.10 18.16
CA ASN A 49 18.99 41.29 17.42
C ASN A 49 20.32 41.17 16.69
N ASN A 50 20.96 40.00 16.71
CA ASN A 50 22.23 39.84 16.02
C ASN A 50 22.47 38.35 15.76
N THR A 51 22.16 37.92 14.54
CA THR A 51 22.33 36.55 14.09
C THR A 51 23.02 36.58 12.74
N THR A 52 24.08 35.80 12.58
CA THR A 52 24.71 35.66 11.28
C THR A 52 24.49 34.26 10.73
N PHE A 53 24.46 34.17 9.41
CA PHE A 53 24.34 32.91 8.71
C PHE A 53 25.25 32.93 7.48
N THR A 54 25.97 31.84 7.25
CA THR A 54 26.76 31.77 6.03
C THR A 54 26.95 30.33 5.59
N THR A 55 27.13 30.17 4.28
CA THR A 55 27.61 28.92 3.70
C THR A 55 29.05 29.03 3.23
N ASN A 56 29.69 30.18 3.43
CA ASN A 56 31.14 30.26 3.23
C ASN A 56 31.84 29.33 4.22
N TYR A 57 32.90 28.66 3.74
CA TYR A 57 33.64 27.76 4.61
C TYR A 57 34.28 28.51 5.77
N GLU A 58 33.81 28.24 6.99
CA GLU A 58 34.28 28.90 8.20
C GLU A 58 34.43 27.81 9.24
N PRO A 59 35.57 27.12 9.27
CA PRO A 59 35.71 25.95 10.15
C PRO A 59 35.79 26.34 11.62
N SER A 60 35.42 25.35 12.45
CA SER A 60 35.22 25.58 13.89
C SER A 60 36.52 25.89 14.63
N GLY A 61 37.65 25.34 14.20
CA GLY A 61 38.85 25.39 15.03
C GLY A 61 38.86 24.40 16.18
N SER A 62 37.82 23.58 16.31
CA SER A 62 37.77 22.59 17.37
C SER A 62 38.72 21.42 17.07
N SER A 63 38.94 20.59 18.09
CA SER A 63 39.77 19.41 17.95
C SER A 63 38.88 18.22 17.62
N TRP A 64 39.29 17.43 16.62
CA TRP A 64 38.51 16.30 16.11
C TRP A 64 39.41 15.07 16.03
N GLY A 65 38.80 13.94 15.67
CA GLY A 65 39.55 12.73 15.39
C GLY A 65 40.64 12.96 14.35
N GLU A 66 41.73 12.20 14.46
CA GLU A 66 42.97 12.60 13.80
C GLU A 66 42.85 12.60 12.28
N VAL A 67 42.03 11.73 11.69
CA VAL A 67 41.96 11.64 10.24
C VAL A 67 40.99 12.65 9.64
N LEU A 68 40.24 13.39 10.45
CA LEU A 68 39.14 14.19 9.95
C LEU A 68 39.59 15.54 9.38
N ASP A 69 38.83 15.99 8.38
CA ASP A 69 39.03 17.29 7.75
C ASP A 69 37.67 17.94 7.65
N GLU A 70 37.50 19.09 8.30
CA GLU A 70 36.20 19.75 8.39
C GLU A 70 35.67 20.15 7.02
N GLN A 71 36.54 20.32 6.02
CA GLN A 71 36.06 20.61 4.68
C GLN A 71 35.18 19.50 4.12
N ASN A 72 35.31 18.26 4.64
CA ASN A 72 34.51 17.17 4.14
C ASN A 72 33.09 17.17 4.68
N VAL A 73 32.82 17.92 5.74
CA VAL A 73 31.52 17.86 6.40
C VAL A 73 30.80 19.20 6.44
N TYR A 74 31.50 20.34 6.33
CA TYR A 74 30.86 21.61 6.60
C TYR A 74 29.81 21.95 5.55
N LEU A 75 28.66 22.43 6.03
CA LEU A 75 27.61 22.97 5.15
C LEU A 75 27.29 24.43 5.46
N ALA A 76 27.05 24.77 6.73
CA ALA A 76 26.64 26.13 7.05
C ALA A 76 26.94 26.44 8.51
N ARG A 77 26.96 27.73 8.83
CA ARG A 77 27.22 28.25 10.17
C ARG A 77 26.14 29.25 10.53
N LEU A 78 25.46 29.01 11.65
CA LEU A 78 24.45 29.92 12.20
C LEU A 78 24.94 30.36 13.57
N LYS A 79 25.07 31.67 13.77
CA LYS A 79 25.66 32.18 15.01
C LYS A 79 24.74 33.21 15.66
N HIS A 80 24.45 32.99 16.94
CA HIS A 80 23.72 33.92 17.79
C HIS A 80 24.75 34.77 18.53
N ILE A 81 24.90 36.04 18.13
CA ILE A 81 25.97 36.88 18.67
C ILE A 81 25.39 37.71 19.80
N SER A 82 25.76 37.37 21.03
CA SER A 82 25.16 37.99 22.19
C SER A 82 26.23 38.23 23.24
N ASN A 83 25.86 38.11 24.51
CA ASN A 83 26.81 38.24 25.60
C ASN A 83 27.65 36.96 25.71
N SER A 84 28.61 36.97 26.66
CA SER A 84 29.56 35.86 26.77
C SER A 84 28.87 34.55 27.15
N ASN A 85 27.80 34.62 27.96
CA ASN A 85 27.13 33.40 28.42
C ASN A 85 26.22 32.79 27.34
N ASN A 86 25.54 33.61 26.55
CA ASN A 86 24.44 33.11 25.72
C ASN A 86 24.75 33.13 24.24
N THR A 87 25.91 33.64 23.84
CA THR A 87 26.39 33.42 22.48
C THR A 87 26.48 31.92 22.18
N TRP A 88 26.03 31.54 20.99
CA TRP A 88 26.24 30.17 20.53
C TRP A 88 26.52 30.16 19.03
N ASP A 89 27.18 29.09 18.59
CA ASP A 89 27.80 29.04 17.28
C ASP A 89 27.58 27.64 16.72
N LEU A 90 26.66 27.53 15.76
CA LEU A 90 26.10 26.26 15.32
C LEU A 90 26.59 25.94 13.91
N ARG A 91 27.18 24.77 13.71
CA ARG A 91 27.64 24.39 12.38
C ARG A 91 26.90 23.14 11.91
N ILE A 92 26.25 23.24 10.78
CA ILE A 92 25.48 22.17 10.17
C ILE A 92 26.36 21.47 9.14
N GLY A 93 26.30 20.13 9.12
CA GLY A 93 27.07 19.34 8.17
C GLY A 93 26.26 18.96 6.94
N LYS A 94 26.93 18.27 6.01
CA LYS A 94 26.33 17.95 4.72
C LYS A 94 25.13 17.03 4.85
N GLY A 95 25.02 16.29 5.95
CA GLY A 95 23.85 15.49 6.18
C GLY A 95 22.73 16.22 6.89
N GLY A 96 22.87 17.53 7.08
CA GLY A 96 21.89 18.29 7.84
C GLY A 96 22.04 18.15 9.35
N GLN A 97 23.10 17.53 9.82
CA GLN A 97 23.31 17.26 11.23
C GLN A 97 24.05 18.42 11.89
N ILE A 98 23.95 18.52 13.22
CA ILE A 98 24.82 19.42 13.97
C ILE A 98 26.13 18.67 14.23
N TYR A 99 27.21 19.07 13.56
CA TYR A 99 28.49 18.43 13.79
C TYR A 99 29.42 19.27 14.68
N SER A 100 29.09 20.54 14.92
CA SER A 100 29.86 21.40 15.82
C SER A 100 28.90 22.40 16.43
N PHE A 101 29.04 22.63 17.74
CA PHE A 101 28.09 23.48 18.46
C PHE A 101 28.86 24.06 19.64
N ILE A 102 29.27 25.32 19.50
CA ILE A 102 30.19 25.96 20.44
C ILE A 102 29.39 26.93 21.30
N GLY A 103 29.45 26.73 22.61
CA GLY A 103 28.76 27.57 23.56
C GLY A 103 29.75 28.09 24.60
N PRO A 104 29.25 28.54 25.75
CA PRO A 104 30.16 29.12 26.76
C PRO A 104 31.13 28.10 27.32
N TYR A 105 30.82 26.81 27.17
CA TYR A 105 31.65 25.69 27.56
C TYR A 105 32.64 25.28 26.47
N GLY A 106 32.65 25.98 25.33
CA GLY A 106 33.54 25.61 24.25
C GLY A 106 32.86 24.66 23.28
N GLU A 107 33.60 23.74 22.67
CA GLU A 107 32.99 22.81 21.74
C GLU A 107 32.20 21.74 22.47
N GLY A 108 30.91 21.60 22.11
CA GLY A 108 30.05 20.66 22.79
C GLY A 108 29.79 19.36 22.04
N VAL A 109 30.19 19.27 20.78
CA VAL A 109 30.00 18.04 20.01
C VAL A 109 31.26 17.19 20.18
N PRO A 110 31.13 15.89 20.41
CA PRO A 110 32.30 15.03 20.60
C PRO A 110 33.24 15.03 19.40
N PRO A 111 34.47 14.57 19.58
CA PRO A 111 35.48 14.71 18.51
C PRO A 111 35.31 13.77 17.33
N SER A 112 34.45 12.74 17.41
CA SER A 112 34.42 11.65 16.43
C SER A 112 35.79 10.98 16.34
N SER A 113 36.12 10.29 17.43
CA SER A 113 37.45 9.72 17.62
C SER A 113 37.70 8.46 16.81
N LYS A 114 36.65 7.75 16.38
CA LYS A 114 36.77 6.50 15.64
C LYS A 114 36.89 6.80 14.14
N SER A 115 37.93 6.24 13.50
CA SER A 115 38.14 6.57 12.09
C SER A 115 36.96 6.16 11.22
N HIS A 116 36.20 5.14 11.61
CA HIS A 116 35.09 4.67 10.79
C HIS A 116 33.77 5.38 11.07
N SER A 117 33.74 6.29 12.04
CA SER A 117 32.54 7.05 12.40
C SER A 117 32.87 8.54 12.34
N GLN A 118 32.66 9.16 11.17
CA GLN A 118 33.14 10.51 10.88
C GLN A 118 31.97 11.48 10.88
N TRP A 119 31.71 12.07 12.06
CA TRP A 119 30.59 13.00 12.25
C TRP A 119 29.27 12.39 11.80
N ASN A 120 29.07 11.09 12.07
CA ASN A 120 27.82 10.41 11.69
C ASN A 120 27.09 9.73 12.84
N ASP A 121 27.65 9.74 14.05
CA ASP A 121 27.04 9.02 15.15
C ASP A 121 26.91 9.99 16.33
N GLU A 122 28.03 10.29 16.98
CA GLU A 122 28.06 11.32 18.02
C GLU A 122 27.93 12.72 17.45
N VAL A 123 26.80 12.99 16.79
CA VAL A 123 26.41 14.30 16.29
C VAL A 123 24.91 14.41 16.52
N TRP A 124 24.38 15.63 16.55
CA TRP A 124 22.93 15.77 16.73
C TRP A 124 22.21 15.53 15.41
N GLN A 125 21.27 14.58 15.42
CA GLN A 125 20.65 14.13 14.18
C GLN A 125 19.39 13.36 14.51
N PRO A 126 18.41 13.33 13.61
CA PRO A 126 17.35 12.33 13.71
C PRO A 126 17.89 10.98 13.27
N VAL A 127 17.36 9.91 13.88
CA VAL A 127 17.63 8.53 13.48
C VAL A 127 16.34 7.76 13.57
N SER A 128 16.13 6.82 12.65
CA SER A 128 14.93 5.99 12.69
C SER A 128 15.26 4.53 12.42
N VAL A 129 14.48 3.65 13.06
CA VAL A 129 14.68 2.20 13.01
C VAL A 129 13.36 1.55 12.65
N SER A 130 13.42 0.54 11.78
CA SER A 130 12.30 -0.37 11.57
C SER A 130 12.56 -1.60 12.42
N GLY A 131 11.83 -1.72 13.53
CA GLY A 131 12.06 -2.82 14.45
C GLY A 131 11.83 -4.18 13.84
N SER A 132 10.92 -4.28 12.88
CA SER A 132 10.64 -5.58 12.28
C SER A 132 11.80 -6.07 11.41
N LEU A 133 12.67 -5.17 10.96
CA LEU A 133 13.77 -5.51 10.06
C LEU A 133 15.14 -5.45 10.69
N ASN A 134 15.33 -4.60 11.70
CA ASN A 134 16.64 -4.45 12.33
C ASN A 134 17.09 -5.77 12.98
N ASN A 135 18.38 -6.05 12.89
CA ASN A 135 19.01 -7.22 13.52
C ASN A 135 20.31 -6.74 14.17
N GLY A 136 20.33 -6.66 15.49
CA GLY A 136 21.50 -6.16 16.18
C GLY A 136 22.48 -7.23 16.65
N ASP A 137 22.38 -8.44 16.08
CA ASP A 137 23.22 -9.55 16.49
C ASP A 137 24.69 -9.19 16.44
N GLN A 138 25.41 -9.53 17.50
CA GLN A 138 26.86 -9.43 17.47
C GLN A 138 27.46 -10.59 16.67
N ASN A 139 28.75 -10.47 16.39
CA ASN A 139 29.46 -11.37 15.50
C ASN A 139 29.58 -12.79 16.06
N ASP A 140 29.47 -12.97 17.38
CA ASP A 140 29.54 -14.33 17.91
C ASP A 140 28.22 -15.09 17.76
N GLU A 141 27.19 -14.47 17.18
CA GLU A 141 25.99 -15.18 16.75
C GLU A 141 26.13 -15.76 15.35
N LEU A 142 27.24 -15.50 14.68
CA LEU A 142 27.40 -15.75 13.25
C LEU A 142 28.36 -16.91 13.03
N LYS A 143 28.41 -17.39 11.79
CA LYS A 143 29.35 -18.44 11.47
C LYS A 143 30.78 -17.88 11.51
N GLU A 144 31.74 -18.79 11.58
CA GLU A 144 33.13 -18.39 11.72
C GLU A 144 33.59 -17.60 10.50
N GLY A 145 34.26 -16.48 10.75
CA GLY A 145 34.75 -15.64 9.68
C GLY A 145 33.75 -14.63 9.15
N ALA A 146 32.50 -14.71 9.57
CA ALA A 146 31.49 -13.78 9.08
C ALA A 146 31.40 -12.55 9.97
N THR A 147 30.79 -11.49 9.44
CA THR A 147 30.55 -10.27 10.20
C THR A 147 29.09 -9.86 10.06
N ASN A 148 28.66 -8.97 10.97
CA ASN A 148 27.28 -8.51 10.98
C ASN A 148 27.03 -7.29 10.09
N ALA A 149 27.94 -7.00 9.16
CA ALA A 149 27.79 -5.83 8.30
C ALA A 149 26.45 -5.86 7.57
N GLY A 150 25.72 -4.74 7.64
CA GLY A 150 24.49 -4.60 6.91
C GLY A 150 23.26 -5.15 7.58
N LEU A 151 23.40 -5.86 8.71
CA LEU A 151 22.25 -6.50 9.34
C LEU A 151 21.35 -5.48 10.06
N LYS A 152 21.93 -4.41 10.57
CA LYS A 152 21.19 -3.41 11.32
C LYS A 152 20.46 -2.47 10.37
N TYR A 153 19.31 -1.97 10.83
CA TYR A 153 18.49 -1.00 10.11
C TYR A 153 18.41 0.28 10.95
N PHE A 154 19.37 1.19 10.75
CA PHE A 154 19.35 2.51 11.37
C PHE A 154 19.54 3.52 10.24
N ILE A 155 18.53 4.34 9.98
CA ILE A 155 18.63 5.39 8.97
C ILE A 155 19.10 6.64 9.70
N HIS A 156 20.37 6.98 9.53
CA HIS A 156 20.95 8.14 10.18
C HIS A 156 20.67 9.41 9.41
N GLY A 157 20.25 10.45 10.12
CA GLY A 157 20.22 11.76 9.52
C GLY A 157 21.58 12.21 9.00
N ALA A 158 22.64 11.91 9.75
CA ALA A 158 23.95 12.45 9.39
C ALA A 158 24.54 11.72 8.18
N GLY A 159 24.61 10.40 8.23
CA GLY A 159 25.20 9.62 7.16
C GLY A 159 25.76 8.30 7.67
N THR A 160 26.55 7.67 6.81
CA THR A 160 26.96 6.29 7.01
C THR A 160 28.25 6.14 7.81
N TYR A 161 28.41 4.94 8.38
CA TYR A 161 29.73 4.48 8.78
C TYR A 161 30.55 4.19 7.52
N LEU A 162 31.85 3.94 7.69
CA LEU A 162 32.67 3.63 6.54
C LEU A 162 32.58 2.15 6.16
N THR A 163 33.15 1.84 5.00
CA THR A 163 33.27 0.46 4.53
C THR A 163 34.38 0.45 3.50
N GLU A 164 34.75 -0.75 3.06
CA GLU A 164 35.86 -0.91 2.13
C GLU A 164 35.65 -0.05 0.89
N GLY A 165 36.67 0.76 0.56
CA GLY A 165 36.61 1.63 -0.59
C GLY A 165 35.92 2.96 -0.35
N LEU A 166 35.39 3.19 0.85
CA LEU A 166 34.72 4.44 1.20
C LEU A 166 35.56 5.13 2.27
N ASP A 167 36.22 6.22 1.87
CA ASP A 167 37.23 6.86 2.71
C ASP A 167 36.65 7.89 3.66
N THR A 168 35.57 8.55 3.26
CA THR A 168 34.78 9.47 4.06
C THR A 168 33.31 9.09 3.85
N PRO A 169 32.42 9.51 4.75
CA PRO A 169 31.04 9.00 4.72
C PRO A 169 30.26 9.44 3.49
N PHE A 170 29.26 8.61 3.18
CA PHE A 170 28.09 9.04 2.43
C PHE A 170 27.22 9.81 3.42
N TYR A 171 27.35 11.13 3.42
CA TYR A 171 26.46 11.95 4.23
C TYR A 171 25.12 12.03 3.52
N SER A 172 24.05 11.98 4.29
CA SER A 172 22.69 11.96 3.77
C SER A 172 22.51 13.11 2.77
N PRO A 173 22.28 12.83 1.49
CA PRO A 173 22.37 13.89 0.48
C PRO A 173 21.39 15.03 0.76
N LEU A 174 21.92 16.25 0.72
CA LEU A 174 21.11 17.45 0.86
C LEU A 174 20.27 17.63 -0.40
N MET A 175 18.95 17.66 -0.24
CA MET A 175 18.07 17.62 -1.40
C MET A 175 17.41 18.97 -1.64
N ALA A 176 17.44 19.85 -0.64
CA ALA A 176 16.84 21.18 -0.72
C ALA A 176 17.24 21.91 0.56
N SER A 177 17.33 23.23 0.49
CA SER A 177 17.59 23.98 1.70
C SER A 177 17.18 25.43 1.47
N TYR A 178 16.97 26.15 2.57
CA TYR A 178 16.47 27.51 2.50
C TYR A 178 16.90 28.25 3.77
N TYR A 179 17.52 29.41 3.62
CA TYR A 179 17.73 30.32 4.73
C TYR A 179 16.78 31.49 4.59
N ASN A 180 15.96 31.71 5.62
CA ASN A 180 15.04 32.84 5.66
C ASN A 180 15.68 33.92 6.53
N PRO A 181 16.20 35.00 5.95
CA PRO A 181 16.93 35.98 6.78
C PRO A 181 16.02 36.80 7.65
N THR A 182 14.75 36.97 7.30
CA THR A 182 13.82 37.65 8.18
C THR A 182 13.52 36.80 9.41
N GLU A 183 13.34 35.50 9.20
CA GLU A 183 12.98 34.59 10.29
C GLU A 183 14.18 34.13 11.10
N LYS A 184 15.39 34.25 10.57
CA LYS A 184 16.61 33.74 11.22
C LYS A 184 16.52 32.22 11.35
N ALA A 185 16.06 31.55 10.29
CA ALA A 185 15.87 30.10 10.31
C ALA A 185 16.48 29.48 9.06
N TYR A 186 17.20 28.38 9.27
CA TYR A 186 17.82 27.58 8.21
C TYR A 186 17.09 26.24 8.14
N TYR A 187 16.61 25.90 6.95
CA TYR A 187 15.86 24.67 6.71
C TYR A 187 16.68 23.76 5.81
N VAL A 188 16.76 22.48 6.16
CA VAL A 188 17.44 21.51 5.30
C VAL A 188 16.54 20.29 5.12
N THR A 189 16.54 19.73 3.91
CA THR A 189 15.98 18.40 3.66
C THR A 189 17.09 17.51 3.15
N ASN A 190 17.27 16.35 3.79
CA ASN A 190 18.28 15.38 3.38
C ASN A 190 17.63 14.01 3.23
N TRP A 191 18.14 13.22 2.30
CA TRP A 191 17.74 11.82 2.16
C TRP A 191 18.55 10.97 3.12
N GLY A 192 17.89 10.46 4.17
CA GLY A 192 18.61 9.74 5.20
C GLY A 192 19.25 8.47 4.68
N ALA A 193 20.35 8.08 5.31
CA ALA A 193 21.18 6.98 4.83
C ALA A 193 21.13 5.83 5.81
N GLN A 194 20.85 4.63 5.31
CA GLN A 194 21.16 3.43 6.07
C GLN A 194 22.64 3.47 6.46
N ALA A 195 22.91 3.45 7.77
CA ALA A 195 24.26 3.74 8.23
C ALA A 195 25.20 2.54 8.12
N HIS A 196 24.66 1.34 8.15
CA HIS A 196 25.46 0.12 8.26
C HIS A 196 25.65 -0.48 6.87
N LEU A 197 26.83 -0.34 6.34
CA LEU A 197 27.15 -0.63 4.95
C LEU A 197 27.82 -1.99 4.81
N PRO A 198 27.64 -2.65 3.65
CA PRO A 198 26.68 -2.29 2.60
C PRO A 198 25.29 -2.73 3.06
N SER A 199 24.30 -1.86 2.92
CA SER A 199 23.02 -2.12 3.54
C SER A 199 22.19 -3.11 2.74
N LEU A 200 21.50 -3.99 3.47
CA LEU A 200 20.45 -4.85 2.94
C LEU A 200 19.22 -4.07 2.51
N PHE A 201 19.12 -2.79 2.87
CA PHE A 201 17.87 -2.05 2.83
C PHE A 201 18.02 -0.76 2.04
N LYS A 202 16.92 -0.34 1.45
CA LYS A 202 16.78 1.00 0.93
C LYS A 202 16.48 1.98 2.06
N SER A 203 16.74 3.25 1.81
CA SER A 203 16.17 4.32 2.62
C SER A 203 15.00 4.96 1.90
N GLY A 204 13.86 5.03 2.58
CA GLY A 204 12.73 5.77 2.06
C GLY A 204 12.31 6.89 3.00
N VAL A 205 13.31 7.58 3.54
CA VAL A 205 13.10 8.61 4.54
C VAL A 205 13.77 9.90 4.10
N LEU A 206 12.98 10.97 4.04
CA LEU A 206 13.54 12.32 3.98
C LEU A 206 13.47 12.96 5.36
N TYR A 207 14.59 13.49 5.80
CA TYR A 207 14.65 14.23 7.06
C TYR A 207 14.66 15.71 6.75
N THR A 208 13.65 16.43 7.23
CA THR A 208 13.62 17.88 7.11
C THR A 208 13.82 18.47 8.50
N THR A 209 14.79 19.35 8.64
CA THR A 209 15.12 19.93 9.92
C THR A 209 15.20 21.45 9.81
N LYS A 210 14.53 22.13 10.73
CA LYS A 210 14.52 23.59 10.82
C LYS A 210 15.32 24.03 12.05
N TYR A 211 16.31 24.89 11.83
CA TYR A 211 17.20 25.45 12.85
C TYR A 211 16.93 26.95 12.94
N LYS A 212 16.34 27.42 14.05
CA LYS A 212 15.90 28.81 14.12
C LYS A 212 16.44 29.50 15.37
N ASP A 213 17.07 30.66 15.19
CA ASP A 213 17.49 31.47 16.33
C ASP A 213 16.30 32.28 16.80
N ILE A 214 15.68 31.86 17.91
CA ILE A 214 14.50 32.53 18.44
C ILE A 214 14.82 33.53 19.53
N GLY A 215 16.08 33.66 19.91
CA GLY A 215 16.51 34.65 20.89
C GLY A 215 16.86 34.02 22.24
N GLU A 216 17.45 34.85 23.10
CA GLU A 216 17.72 34.54 24.50
C GLU A 216 18.69 33.39 24.70
N GLY A 217 19.46 33.01 23.68
CA GLY A 217 20.33 31.85 23.81
C GLY A 217 19.64 30.54 23.46
N ILE A 218 18.39 30.58 23.02
CA ILE A 218 17.61 29.39 22.69
C ILE A 218 17.67 29.15 21.18
N LEU A 219 17.93 27.90 20.81
CA LEU A 219 17.86 27.43 19.43
C LEU A 219 16.65 26.51 19.32
N GLU A 220 15.74 26.84 18.41
CA GLU A 220 14.54 26.04 18.14
C GLU A 220 14.82 25.10 16.98
N VAL A 221 14.69 23.79 17.22
CA VAL A 221 14.96 22.80 16.18
C VAL A 221 13.72 21.93 15.98
N THR A 222 13.22 21.90 14.76
CA THR A 222 12.08 21.06 14.42
C THR A 222 12.57 19.92 13.54
N TYR A 223 12.44 18.71 14.04
CA TYR A 223 12.82 17.50 13.31
C TYR A 223 11.58 16.93 12.63
N VAL A 224 11.63 16.82 11.31
CA VAL A 224 10.54 16.23 10.53
C VAL A 224 11.05 14.93 9.89
N ILE A 225 10.26 13.87 10.01
CA ILE A 225 10.60 12.58 9.43
C ILE A 225 9.51 12.23 8.43
N GLU A 226 9.87 12.24 7.14
CA GLU A 226 8.94 12.02 6.05
C GLU A 226 9.17 10.63 5.45
N ASN A 227 8.20 9.73 5.61
CA ASN A 227 8.36 8.35 5.16
C ASN A 227 7.70 8.21 3.80
N PHE A 228 8.50 8.23 2.74
CA PHE A 228 8.02 8.00 1.39
C PHE A 228 8.32 6.58 0.91
N GLY A 229 8.80 5.72 1.81
CA GLY A 229 9.17 4.35 1.48
C GLY A 229 8.05 3.39 1.80
N THR A 230 8.44 2.12 1.95
CA THR A 230 7.44 1.07 2.18
C THR A 230 7.61 0.35 3.51
N ASP A 231 8.51 0.81 4.38
CA ASP A 231 8.70 0.21 5.69
C ASP A 231 7.96 1.03 6.73
N THR A 232 7.77 0.46 7.90
CA THR A 232 7.24 1.20 9.04
C THR A 232 8.38 1.45 10.03
N LEU A 233 8.59 2.72 10.37
CA LEU A 233 9.55 3.09 11.39
C LEU A 233 8.82 3.09 12.72
N ASP A 234 9.42 2.45 13.72
CA ASP A 234 8.71 2.43 15.00
C ASP A 234 9.65 2.72 16.16
N HIS A 235 10.84 3.24 15.90
CA HIS A 235 11.77 3.68 16.93
C HIS A 235 12.43 4.93 16.41
N LEU A 236 12.16 6.08 17.02
CA LEU A 236 12.68 7.35 16.54
C LEU A 236 13.59 7.97 17.59
N ASN A 237 14.84 8.23 17.21
CA ASN A 237 15.70 9.11 17.99
C ASN A 237 15.50 10.52 17.46
N ILE A 238 14.93 11.39 18.28
CA ILE A 238 14.48 12.70 17.78
C ILE A 238 14.74 13.75 18.85
N PRO A 239 16.01 14.10 19.11
CA PRO A 239 17.22 13.66 18.41
C PRO A 239 18.00 12.51 19.03
N TRP A 240 18.94 11.99 18.25
CA TRP A 240 20.12 11.32 18.79
C TRP A 240 21.23 12.35 18.87
N GLY A 241 22.06 12.25 19.90
CA GLY A 241 23.24 13.10 19.94
C GLY A 241 23.99 12.99 21.24
N GLY A 242 24.28 14.12 21.87
CA GLY A 242 25.01 14.12 23.12
C GLY A 242 26.16 15.11 23.05
N VAL A 243 27.01 15.09 24.08
CA VAL A 243 27.96 16.17 24.30
C VAL A 243 29.37 15.63 24.46
N ARG A 244 30.33 16.50 24.21
CA ARG A 244 31.75 16.21 24.48
C ARG A 244 31.97 16.19 25.99
N SER A 245 32.26 15.00 26.53
CA SER A 245 32.28 14.83 27.99
C SER A 245 33.30 15.74 28.65
N SER A 246 34.44 15.97 28.01
CA SER A 246 35.47 16.81 28.63
C SER A 246 35.10 18.29 28.64
N SER A 247 34.18 18.74 27.78
CA SER A 247 33.65 20.10 27.88
C SER A 247 32.48 20.19 28.86
N LEU A 248 31.70 19.12 28.98
CA LEU A 248 30.43 19.13 29.71
C LEU A 248 30.36 17.83 30.54
N ARG A 249 31.13 17.79 31.61
CA ARG A 249 31.28 16.59 32.44
C ARG A 249 30.12 16.39 33.40
N GLY A 250 29.41 17.47 33.75
CA GLY A 250 28.31 17.38 34.70
C GLY A 250 26.99 17.14 33.97
N LYS A 251 26.17 16.26 34.54
CA LYS A 251 24.93 15.77 33.91
C LYS A 251 23.78 15.99 34.87
N PHE A 252 22.72 16.65 34.40
CA PHE A 252 21.56 16.97 35.23
C PHE A 252 20.29 16.59 34.50
N VAL A 253 19.29 16.11 35.27
CA VAL A 253 17.93 15.94 34.74
C VAL A 253 17.00 16.85 35.52
N SER A 254 16.00 17.36 34.81
CA SER A 254 14.97 18.16 35.45
C SER A 254 13.93 17.23 36.06
N ARG A 255 13.17 17.76 37.01
CA ARG A 255 12.08 17.05 37.64
C ARG A 255 10.83 17.89 37.56
N PRO A 256 9.66 17.27 37.64
CA PRO A 256 8.41 18.06 37.67
C PRO A 256 8.46 19.15 38.73
N GLY A 257 8.10 20.36 38.33
CA GLY A 257 8.22 21.51 39.20
C GLY A 257 9.41 22.39 38.88
N GLY A 258 10.35 21.90 38.08
CA GLY A 258 11.39 22.75 37.53
C GLY A 258 12.73 22.73 38.24
N ASP A 259 12.91 21.89 39.27
CA ASP A 259 14.25 21.70 39.84
C ASP A 259 15.06 20.74 38.99
N ILE A 260 16.36 20.69 39.26
CA ILE A 260 17.26 19.77 38.58
C ILE A 260 18.03 18.94 39.61
N GLU A 261 18.48 17.78 39.16
CA GLU A 261 19.13 16.75 39.96
C GLU A 261 20.32 16.23 39.18
N ILE A 262 21.45 16.00 39.86
CA ILE A 262 22.59 15.35 39.20
C ILE A 262 22.23 13.92 38.82
N ILE A 263 22.60 13.50 37.61
CA ILE A 263 22.47 12.11 37.19
C ILE A 263 23.88 11.57 36.90
N TYR A 264 24.00 10.24 36.97
CA TYR A 264 25.31 9.60 37.04
C TYR A 264 25.53 8.53 35.98
N GLY A 265 24.52 8.26 35.14
CA GLY A 265 24.61 7.19 34.15
C GLY A 265 25.86 7.20 33.32
N GLN A 266 26.52 6.04 33.26
CA GLN A 266 27.74 5.84 32.49
C GLN A 266 27.70 4.43 31.91
N THR A 267 28.00 4.28 30.62
CA THR A 267 27.95 2.95 30.02
C THR A 267 29.12 2.11 30.49
N GLY A 268 28.86 0.81 30.66
CA GLY A 268 29.89 -0.11 31.08
C GLY A 268 29.25 -1.46 31.29
N THR A 269 29.97 -2.37 31.95
CA THR A 269 29.37 -3.65 32.28
C THR A 269 28.05 -3.44 33.02
N ASP A 270 26.99 -4.08 32.53
CA ASP A 270 25.69 -4.08 33.20
C ASP A 270 25.17 -2.67 33.46
N ASN A 271 25.40 -1.75 32.52
CA ASN A 271 24.98 -0.36 32.73
C ASN A 271 24.86 0.32 31.38
N ALA A 272 23.65 0.75 31.03
CA ALA A 272 23.43 1.51 29.81
C ALA A 272 23.15 2.98 30.11
N GLY A 273 23.30 3.40 31.37
CA GLY A 273 23.06 4.77 31.77
C GLY A 273 21.63 5.01 32.24
N ASP A 274 21.28 6.30 32.27
CA ASP A 274 19.97 6.73 32.72
C ASP A 274 18.94 6.54 31.60
N LEU A 275 17.73 6.17 31.99
CA LEU A 275 16.64 6.01 31.02
C LEU A 275 15.34 6.28 31.76
N GLU A 276 14.62 7.34 31.38
CA GLU A 276 13.32 7.59 32.01
C GLU A 276 12.33 8.19 31.02
N ASP A 277 11.06 7.85 31.25
CA ASP A 277 9.97 8.49 30.50
C ASP A 277 9.98 10.00 30.74
N ILE A 278 9.64 10.76 29.71
CA ILE A 278 9.81 12.20 29.81
C ILE A 278 8.85 12.82 30.81
N ASP A 279 7.74 12.16 31.13
CA ASP A 279 6.85 12.75 32.13
C ASP A 279 7.33 12.53 33.56
N ALA A 280 8.46 11.84 33.73
CA ALA A 280 9.14 11.79 35.01
C ALA A 280 10.13 12.94 35.18
N THR A 281 10.28 13.76 34.15
CA THR A 281 11.19 14.89 34.14
C THR A 281 10.42 16.21 34.17
N GLY A 282 11.17 17.31 34.22
CA GLY A 282 10.65 18.64 34.00
C GLY A 282 10.66 19.08 32.56
N GLY A 283 10.98 18.18 31.63
CA GLY A 283 10.97 18.52 30.22
C GLY A 283 12.34 18.71 29.60
N TYR A 284 13.43 18.56 30.36
CA TYR A 284 14.75 18.84 29.81
C TYR A 284 15.84 18.16 30.63
N VAL A 285 17.02 18.08 30.01
CA VAL A 285 18.28 17.78 30.69
C VAL A 285 19.22 18.97 30.51
N ILE A 286 20.20 19.07 31.40
CA ILE A 286 21.27 20.07 31.29
C ILE A 286 22.60 19.36 31.44
N TYR A 287 23.50 19.63 30.50
CA TYR A 287 24.90 19.24 30.63
C TYR A 287 25.70 20.51 30.97
N ALA A 288 26.58 20.42 31.97
CA ALA A 288 27.33 21.58 32.41
C ALA A 288 28.80 21.20 32.54
N GLN A 289 29.66 22.22 32.59
CA GLN A 289 31.09 21.95 32.66
C GLN A 289 31.42 21.11 33.87
N ASP A 290 30.74 21.37 34.99
CA ASP A 290 30.83 20.52 36.17
C ASP A 290 29.51 20.62 36.92
N THR A 291 29.43 19.91 38.05
CA THR A 291 28.22 19.91 38.87
C THR A 291 28.35 20.81 40.11
N LEU A 292 29.39 21.64 40.17
CA LEU A 292 29.71 22.34 41.41
C LEU A 292 29.11 23.74 41.52
N SER A 293 28.66 24.32 40.41
CA SER A 293 28.27 25.73 40.43
C SER A 293 27.10 25.97 39.49
N ALA A 294 26.12 26.74 39.96
CA ALA A 294 25.05 27.22 39.09
C ALA A 294 25.55 28.17 38.01
N SER A 295 26.79 28.67 38.12
CA SER A 295 27.36 29.52 37.08
C SER A 295 28.14 28.73 36.04
N SER A 296 28.24 27.41 36.21
CA SER A 296 28.98 26.59 35.26
C SER A 296 28.38 26.72 33.86
N PRO A 297 29.19 26.88 32.81
CA PRO A 297 28.61 26.99 31.47
C PRO A 297 27.91 25.69 31.08
N ALA A 298 26.81 25.81 30.33
CA ALA A 298 25.91 24.67 30.19
C ALA A 298 25.19 24.65 28.85
N LEU A 299 24.73 23.46 28.48
CA LEU A 299 23.84 23.23 27.35
C LEU A 299 22.59 22.51 27.85
N GLY A 300 21.43 23.08 27.59
CA GLY A 300 20.17 22.42 27.90
C GLY A 300 19.54 21.87 26.64
N ILE A 301 18.90 20.70 26.77
CA ILE A 301 18.14 20.10 25.67
C ILE A 301 16.73 19.85 26.18
N VAL A 302 15.75 20.45 25.51
CA VAL A 302 14.38 20.51 26.00
C VAL A 302 13.49 19.68 25.08
N PHE A 303 12.91 18.61 25.63
CA PHE A 303 12.07 17.66 24.90
C PHE A 303 10.65 17.59 25.44
N GLY A 304 10.32 18.40 26.45
CA GLY A 304 8.94 18.45 26.94
C GLY A 304 8.62 17.31 27.90
N ASP A 305 7.40 17.32 28.46
CA ASP A 305 7.08 16.34 29.49
C ASP A 305 5.73 15.65 29.28
N LYS A 306 5.16 15.73 28.08
CA LYS A 306 3.83 15.18 27.79
C LYS A 306 3.94 14.00 26.83
N ILE A 307 3.29 12.88 27.18
CA ILE A 307 3.19 11.69 26.33
C ILE A 307 1.72 11.51 25.99
N LEU A 308 1.33 11.94 24.79
CA LEU A 308 -0.09 12.08 24.43
C LEU A 308 -0.59 10.78 23.78
N THR A 309 -0.67 9.73 24.60
CA THR A 309 -1.01 8.41 24.08
C THR A 309 -2.43 8.33 23.53
N GLU A 310 -3.38 9.07 24.12
CA GLU A 310 -4.75 9.01 23.60
C GLU A 310 -4.83 9.61 22.21
N GLU A 311 -4.21 10.78 22.02
CA GLU A 311 -4.31 11.50 20.77
C GLU A 311 -3.62 10.77 19.63
N PHE A 312 -2.58 10.00 19.94
CA PHE A 312 -1.82 9.31 18.90
C PHE A 312 -2.02 7.80 18.95
N SER A 313 -3.18 7.35 19.45
CA SER A 313 -3.41 5.92 19.62
C SER A 313 -3.50 5.20 18.27
N ASP A 314 -3.90 5.91 17.21
CA ASP A 314 -3.92 5.31 15.89
C ASP A 314 -2.53 5.05 15.36
N HIS A 315 -1.51 5.64 15.99
CA HIS A 315 -0.13 5.37 15.60
C HIS A 315 0.62 4.59 16.65
N ASP A 316 -0.09 4.04 17.65
CA ASP A 316 0.50 3.26 18.73
C ASP A 316 1.71 3.97 19.34
N LEU A 317 1.49 5.19 19.80
CA LEU A 317 2.47 5.87 20.65
C LEU A 317 2.44 5.22 22.02
N THR A 318 3.52 4.53 22.39
CA THR A 318 3.55 3.85 23.68
C THR A 318 4.33 4.61 24.74
N ARG A 319 5.33 5.40 24.35
CA ARG A 319 6.12 6.13 25.33
C ARG A 319 7.06 7.07 24.59
N ILE A 320 7.53 8.07 25.32
CA ILE A 320 8.65 8.92 24.91
C ILE A 320 9.58 8.97 26.11
N TYR A 321 10.86 8.67 25.87
CA TYR A 321 11.79 8.63 26.99
C TYR A 321 13.13 9.22 26.58
N TYR A 322 13.95 9.55 27.57
CA TYR A 322 15.31 10.03 27.32
C TYR A 322 16.31 8.97 27.79
N ARG A 323 17.48 8.98 27.15
CA ARG A 323 18.66 8.29 27.65
C ARG A 323 19.77 9.30 27.85
N SER A 324 20.58 9.07 28.88
CA SER A 324 21.83 9.81 29.08
C SER A 324 22.88 8.85 29.61
N ALA A 325 24.09 8.93 29.07
CA ALA A 325 25.18 8.11 29.59
C ALA A 325 26.52 8.65 29.12
N GLN A 326 27.42 8.96 30.07
CA GLN A 326 28.82 9.08 29.68
C GLN A 326 29.29 7.74 29.13
N VAL A 327 29.92 7.76 27.96
CA VAL A 327 30.37 6.53 27.33
C VAL A 327 31.72 6.16 27.92
N GLY A 328 31.75 5.13 28.77
CA GLY A 328 33.00 4.73 29.39
C GLY A 328 33.52 5.75 30.40
N GLY A 329 34.79 5.56 30.76
CA GLY A 329 35.40 6.35 31.81
C GLY A 329 35.84 7.74 31.36
N ASP A 330 36.37 8.49 32.32
CA ASP A 330 36.69 9.89 32.07
C ASP A 330 37.80 10.10 31.07
N THR A 331 38.63 9.09 30.79
CA THR A 331 39.70 9.24 29.81
C THR A 331 39.38 8.54 28.50
N ASN A 332 38.14 8.13 28.27
CA ASN A 332 37.84 7.48 27.01
C ASN A 332 38.07 8.45 25.87
N PRO A 333 38.91 8.13 24.89
CA PRO A 333 39.14 9.07 23.78
C PRO A 333 37.89 9.40 23.00
N ARG A 334 36.86 8.55 23.06
CA ARG A 334 35.59 8.87 22.44
C ARG A 334 35.06 10.21 22.94
N ASP A 335 35.30 10.52 24.23
CA ASP A 335 34.98 11.82 24.81
C ASP A 335 33.53 12.22 24.49
N TYR A 336 32.61 11.32 24.83
CA TYR A 336 31.23 11.37 24.40
C TYR A 336 30.33 11.00 25.57
N THR A 337 29.31 11.83 25.80
CA THR A 337 28.17 11.49 26.66
C THR A 337 26.96 11.44 25.74
N LEU A 338 26.41 10.26 25.54
CA LEU A 338 25.24 10.15 24.67
C LEU A 338 24.01 10.73 25.34
N PHE A 339 23.16 11.35 24.53
CA PHE A 339 21.83 11.77 24.93
C PHE A 339 20.89 11.49 23.77
N THR A 340 19.67 11.06 24.08
CA THR A 340 18.67 10.93 23.03
C THR A 340 17.28 11.03 23.62
N THR A 341 16.38 11.63 22.85
CA THR A 341 14.95 11.56 23.08
C THR A 341 14.41 10.52 22.09
N ILE A 342 13.66 9.56 22.60
CA ILE A 342 13.17 8.44 21.81
C ILE A 342 11.65 8.42 21.85
N ALA A 343 11.05 8.38 20.66
CA ALA A 343 9.61 8.22 20.52
C ALA A 343 9.33 6.82 20.03
N LYS A 344 8.55 6.07 20.78
CA LYS A 344 8.11 4.73 20.37
C LYS A 344 6.72 4.94 19.77
N ILE A 345 6.68 5.03 18.44
CA ILE A 345 5.47 5.40 17.70
C ILE A 345 5.67 4.88 16.29
N ASP A 346 4.57 4.55 15.61
CA ASP A 346 4.64 4.09 14.23
C ASP A 346 4.62 5.28 13.27
N VAL A 347 5.62 5.35 12.40
CA VAL A 347 5.62 6.25 11.25
C VAL A 347 5.53 5.33 10.04
N LYS A 348 4.32 5.17 9.53
CA LYS A 348 4.00 4.23 8.46
C LYS A 348 4.33 4.87 7.12
N PRO A 349 4.38 4.08 6.04
CA PRO A 349 4.50 4.67 4.71
C PRO A 349 3.48 5.78 4.51
N LYS A 350 3.95 6.90 3.97
CA LYS A 350 3.24 8.14 3.64
C LYS A 350 3.05 9.04 4.87
N ASP A 351 3.40 8.60 6.08
CA ASP A 351 3.30 9.45 7.27
C ASP A 351 4.45 10.45 7.31
N ILE A 352 4.17 11.60 7.91
CA ILE A 352 5.19 12.61 8.18
C ILE A 352 5.05 13.00 9.65
N PHE A 353 6.08 12.72 10.44
CA PHE A 353 6.07 12.99 11.87
C PHE A 353 7.02 14.16 12.15
N TYR A 354 6.66 15.04 13.10
CA TYR A 354 7.60 16.07 13.53
C TYR A 354 7.68 16.15 15.06
N TYR A 355 8.79 16.73 15.53
CA TYR A 355 9.01 16.96 16.96
C TYR A 355 9.87 18.20 17.07
N ARG A 356 9.37 19.22 17.79
CA ARG A 356 10.11 20.46 18.03
C ARG A 356 10.76 20.42 19.40
N ILE A 357 12.08 20.60 19.44
CA ILE A 357 12.83 20.65 20.69
C ILE A 357 13.68 21.91 20.71
N TYR A 358 14.38 22.12 21.83
CA TYR A 358 15.14 23.35 22.03
C TYR A 358 16.51 23.01 22.59
N TYR A 359 17.51 23.71 22.10
CA TYR A 359 18.86 23.69 22.66
C TYR A 359 19.13 25.06 23.26
N ILE A 360 19.66 25.10 24.48
CA ILE A 360 19.81 26.37 25.19
C ILE A 360 21.24 26.52 25.69
N ASN A 361 21.84 27.68 25.45
CA ASN A 361 23.20 27.96 25.88
C ASN A 361 23.26 29.07 26.91
N GLY A 362 23.97 28.82 28.01
CA GLY A 362 24.10 29.80 29.08
C GLY A 362 24.75 29.17 30.29
N THR A 363 24.74 29.90 31.41
CA THR A 363 25.11 29.26 32.67
C THR A 363 24.05 28.24 33.02
N ARG A 364 24.40 27.29 33.90
CA ARG A 364 23.41 26.30 34.30
C ARG A 364 22.14 26.97 34.84
N GLU A 365 22.29 28.03 35.63
CA GLU A 365 21.13 28.74 36.17
C GLU A 365 20.32 29.39 35.06
N GLU A 366 20.99 30.03 34.11
CA GLU A 366 20.30 30.64 32.99
C GLU A 366 19.55 29.59 32.16
N VAL A 367 20.22 28.46 31.90
CA VAL A 367 19.61 27.40 31.09
C VAL A 367 18.40 26.84 31.79
N GLN A 368 18.50 26.60 33.10
CA GLN A 368 17.37 26.05 33.85
C GLN A 368 16.16 26.98 33.79
N GLU A 369 16.39 28.29 33.92
CA GLU A 369 15.27 29.23 33.88
C GLU A 369 14.65 29.28 32.48
N LYS A 370 15.49 29.29 31.44
CA LYS A 370 14.96 29.32 30.08
C LYS A 370 14.25 28.02 29.74
N ALA A 371 14.78 26.88 30.21
CA ALA A 371 14.14 25.60 29.93
C ALA A 371 12.81 25.47 30.66
N ASN A 372 12.74 25.95 31.90
CA ASN A 372 11.46 25.95 32.60
C ASN A 372 10.43 26.78 31.87
N LYS A 373 10.86 27.86 31.22
CA LYS A 373 9.93 28.74 30.51
C LYS A 373 9.50 28.15 29.17
N ILE A 374 10.41 27.51 28.43
CA ILE A 374 10.12 27.08 27.06
C ILE A 374 9.58 25.65 26.93
N LYS A 375 9.70 24.82 27.97
CA LYS A 375 9.38 23.40 27.79
C LYS A 375 7.92 23.19 27.42
N SER A 376 7.02 24.11 27.78
CA SER A 376 5.62 23.99 27.43
C SER A 376 5.37 24.21 25.93
N GLU A 377 6.37 24.69 25.21
CA GLU A 377 6.24 25.05 23.81
C GLU A 377 6.69 23.92 22.89
N VAL A 378 7.25 22.85 23.44
CA VAL A 378 7.51 21.65 22.66
C VAL A 378 6.19 21.12 22.09
N ALA A 379 6.26 20.56 20.88
CA ALA A 379 5.11 19.90 20.29
C ALA A 379 5.60 18.80 19.35
N TYR A 380 4.70 17.86 19.05
CA TYR A 380 4.97 16.82 18.08
C TYR A 380 3.66 16.35 17.48
N GLY A 381 3.75 15.65 16.37
CA GLY A 381 2.55 15.21 15.70
C GLY A 381 2.82 14.85 14.26
N PHE A 382 1.74 14.71 13.50
CA PHE A 382 1.80 14.34 12.10
C PHE A 382 1.38 15.50 11.22
N ILE A 383 2.01 15.58 10.06
CA ILE A 383 1.83 16.67 9.11
C ILE A 383 1.11 16.11 7.89
N THR A 384 0.07 16.80 7.45
CA THR A 384 -0.71 16.40 6.28
C THR A 384 -1.01 17.64 5.44
N PRO A 385 -0.06 18.05 4.60
CA PRO A 385 -0.25 19.27 3.80
C PRO A 385 -1.40 19.10 2.82
N THR A 386 -2.13 20.20 2.59
CA THR A 386 -3.23 20.17 1.64
C THR A 386 -2.78 20.71 0.29
N ILE A 387 -3.43 20.24 -0.78
CA ILE A 387 -3.11 20.69 -2.14
C ILE A 387 -3.31 22.20 -2.24
N GLU A 388 -4.37 22.71 -1.64
CA GLU A 388 -4.69 24.13 -1.74
C GLU A 388 -3.59 24.99 -1.16
N ASN A 389 -2.86 24.49 -0.17
CA ASN A 389 -1.80 25.23 0.49
C ASN A 389 -0.41 24.86 -0.01
N THR A 390 -0.32 24.19 -1.16
CA THR A 390 0.97 23.71 -1.64
C THR A 390 1.32 24.40 -2.94
N SER A 391 2.54 24.92 -3.01
CA SER A 391 3.03 25.59 -4.20
C SER A 391 3.42 24.57 -5.26
N MET A 392 3.52 25.05 -6.50
CA MET A 392 4.03 24.27 -7.61
C MET A 392 5.21 25.00 -8.26
N VAL A 393 6.06 24.22 -8.91
CA VAL A 393 7.17 24.77 -9.69
C VAL A 393 7.15 24.11 -11.07
N THR A 394 7.71 24.83 -12.04
CA THR A 394 7.87 24.29 -13.39
C THR A 394 9.31 23.81 -13.61
N ILE A 395 9.44 22.60 -14.14
CA ILE A 395 10.69 22.05 -14.63
C ILE A 395 10.67 22.21 -16.16
N LYS A 396 11.67 22.90 -16.69
CA LYS A 396 11.68 23.23 -18.11
C LYS A 396 12.15 22.02 -18.93
N ASN A 397 11.36 21.66 -19.94
CA ASN A 397 11.72 20.60 -20.87
C ASN A 397 13.09 20.84 -21.50
N GLU A 398 13.43 22.10 -21.78
CA GLU A 398 14.70 22.40 -22.43
C GLU A 398 15.88 21.97 -21.56
N GLU A 399 15.74 22.06 -20.25
CA GLU A 399 16.81 21.67 -19.34
C GLU A 399 16.94 20.16 -19.25
N LEU A 400 15.89 19.42 -19.65
CA LEU A 400 15.91 17.97 -19.72
C LEU A 400 16.22 17.48 -21.13
N ASP A 401 16.91 18.29 -21.94
CA ASP A 401 17.27 17.92 -23.31
C ASP A 401 16.04 17.55 -24.13
N ASP A 402 14.93 18.24 -23.87
CA ASP A 402 13.66 18.01 -24.58
C ASP A 402 13.19 16.57 -24.48
N ALA A 403 13.36 15.98 -23.30
CA ALA A 403 12.96 14.58 -23.09
C ALA A 403 11.46 14.40 -22.91
N LEU A 404 10.70 15.48 -22.79
CA LEU A 404 9.26 15.46 -22.65
C LEU A 404 8.66 16.17 -23.85
N ASN A 405 7.33 16.16 -23.93
CA ASN A 405 6.66 16.95 -24.96
C ASN A 405 6.04 18.22 -24.39
N GLN A 406 6.37 18.58 -23.14
CA GLN A 406 5.97 19.83 -22.51
C GLN A 406 6.87 20.05 -21.30
N ASP A 407 6.91 21.29 -20.82
CA ASP A 407 7.36 21.54 -19.45
C ASP A 407 6.43 20.82 -18.47
N ILE A 408 6.94 20.48 -17.29
CA ILE A 408 6.07 19.83 -16.30
C ILE A 408 6.07 20.63 -15.02
N GLN A 409 4.99 20.48 -14.25
CA GLN A 409 4.83 21.12 -12.95
C GLN A 409 4.80 20.07 -11.86
N LEU A 410 5.46 20.37 -10.75
CA LEU A 410 5.52 19.49 -9.58
C LEU A 410 5.12 20.28 -8.35
N PHE A 411 4.53 19.59 -7.37
CA PHE A 411 4.24 20.19 -6.07
C PHE A 411 5.50 20.24 -5.21
N THR A 412 5.55 21.21 -4.29
CA THR A 412 6.74 21.39 -3.47
C THR A 412 6.48 21.10 -1.99
N SER A 413 5.37 20.45 -1.66
CA SER A 413 5.15 19.90 -0.33
C SER A 413 4.73 18.44 -0.47
N PRO A 414 5.10 17.59 0.51
CA PRO A 414 4.71 16.16 0.46
C PRO A 414 3.25 15.92 0.86
N VAL A 415 2.33 16.35 -0.01
CA VAL A 415 0.93 16.00 0.17
C VAL A 415 0.81 14.47 0.20
N LYS A 416 -0.09 13.97 1.05
CA LYS A 416 -0.16 12.54 1.35
C LYS A 416 -0.25 11.72 0.06
N GLY A 417 0.73 10.82 -0.12
CA GLY A 417 0.76 9.93 -1.25
C GLY A 417 1.48 10.43 -2.48
N MET A 418 1.79 11.72 -2.59
CA MET A 418 2.54 12.11 -3.77
C MET A 418 3.99 11.66 -3.69
N VAL A 419 4.60 11.56 -4.86
CA VAL A 419 5.83 10.80 -5.05
C VAL A 419 6.96 11.77 -5.37
N PRO A 420 8.01 11.83 -4.56
CA PRO A 420 9.11 12.76 -4.85
C PRO A 420 9.87 12.37 -6.11
N ILE A 421 10.30 13.41 -6.83
CA ILE A 421 11.08 13.28 -8.06
C ILE A 421 12.44 13.91 -7.81
N PHE A 422 13.50 13.17 -8.11
CA PHE A 422 14.87 13.57 -7.80
C PHE A 422 15.68 13.75 -9.07
N LEU A 423 16.60 14.71 -9.03
CA LEU A 423 17.62 14.87 -10.06
C LEU A 423 18.87 14.11 -9.65
N MET A 424 19.34 13.24 -10.53
CA MET A 424 20.53 12.40 -10.31
C MET A 424 21.46 12.48 -11.51
N ARG A 425 22.73 12.13 -11.27
CA ARG A 425 23.78 12.23 -12.26
C ARG A 425 24.64 10.99 -12.18
N ASN A 426 24.88 10.33 -13.31
CA ASN A 426 25.86 9.26 -13.37
C ASN A 426 27.22 9.91 -13.55
N THR A 427 28.10 9.78 -12.54
CA THR A 427 29.35 10.52 -12.54
C THR A 427 30.36 9.95 -13.52
N THR A 428 30.14 8.74 -14.02
CA THR A 428 31.09 8.13 -14.96
C THR A 428 30.74 8.48 -16.40
N THR A 429 29.45 8.60 -16.71
CA THR A 429 29.02 8.94 -18.07
C THR A 429 28.66 10.42 -18.24
N GLY A 430 28.43 11.14 -17.14
CA GLY A 430 27.96 12.51 -17.18
C GLY A 430 26.47 12.66 -17.39
N LYS A 431 25.74 11.58 -17.59
CA LYS A 431 24.31 11.68 -17.88
C LYS A 431 23.53 12.11 -16.64
N GLU A 432 22.73 13.15 -16.79
CA GLU A 432 21.82 13.64 -15.77
C GLU A 432 20.40 13.25 -16.16
N TYR A 433 19.58 12.96 -15.15
CA TYR A 433 18.21 12.49 -15.42
C TYR A 433 17.37 12.70 -14.18
N ILE A 434 16.05 12.64 -14.35
CA ILE A 434 15.14 12.77 -13.22
C ILE A 434 14.36 11.47 -13.06
N SER A 435 14.10 11.11 -11.79
CA SER A 435 13.39 9.86 -11.52
C SER A 435 12.85 9.86 -10.10
N PRO A 436 11.72 9.21 -9.85
CA PRO A 436 11.35 8.90 -8.46
C PRO A 436 12.16 7.77 -7.88
N ASP A 437 12.89 7.04 -8.72
CA ASP A 437 13.55 5.80 -8.29
C ASP A 437 14.97 6.13 -7.88
N LEU A 438 15.20 6.33 -6.58
CA LEU A 438 16.54 6.61 -6.09
C LEU A 438 17.51 5.47 -6.32
N TYR A 439 17.02 4.26 -6.63
CA TYR A 439 17.90 3.11 -6.81
C TYR A 439 17.98 2.68 -8.26
N TYR A 440 17.50 3.51 -9.18
CA TYR A 440 17.70 3.24 -10.61
C TYR A 440 19.19 3.21 -10.92
N ASP A 441 19.62 2.13 -11.57
CA ASP A 441 21.00 1.96 -12.00
C ASP A 441 21.98 1.93 -10.83
N ILE A 442 21.51 1.65 -9.62
CA ILE A 442 22.40 1.56 -8.47
C ILE A 442 22.95 0.14 -8.39
N ASP A 443 24.27 0.03 -8.21
CA ASP A 443 24.94 -1.25 -8.05
C ASP A 443 24.36 -2.03 -6.87
N THR A 444 24.06 -3.32 -7.11
CA THR A 444 23.68 -4.26 -6.06
C THR A 444 24.53 -5.52 -6.20
N PHE A 445 24.63 -6.27 -5.11
CA PHE A 445 25.46 -7.46 -5.08
C PHE A 445 24.84 -8.47 -4.14
N PRO A 446 25.01 -9.76 -4.42
CA PRO A 446 24.52 -10.80 -3.51
C PRO A 446 25.06 -10.58 -2.11
N PHE A 447 24.19 -10.79 -1.12
CA PHE A 447 24.58 -10.72 0.27
C PHE A 447 25.16 -12.05 0.73
N SER A 448 26.33 -11.99 1.38
CA SER A 448 26.92 -13.20 1.97
C SER A 448 26.23 -13.48 3.30
N ASN A 449 25.39 -14.53 3.33
CA ASN A 449 24.64 -14.93 4.52
C ASN A 449 25.59 -15.27 5.65
N PRO A 450 25.61 -14.50 6.73
CA PRO A 450 26.58 -14.75 7.81
C PRO A 450 26.17 -15.82 8.82
N TYR A 451 25.05 -16.49 8.63
CA TYR A 451 24.52 -17.40 9.65
C TYR A 451 24.82 -18.85 9.29
N GLU A 452 24.96 -19.68 10.33
CA GLU A 452 24.98 -21.12 10.15
C GLU A 452 23.61 -21.61 9.72
N GLU A 453 23.60 -22.75 9.02
CA GLU A 453 22.33 -23.30 8.54
C GLU A 453 21.37 -23.60 9.68
N ASP A 454 21.90 -24.02 10.84
CA ASP A 454 21.07 -24.36 11.98
C ASP A 454 20.56 -23.14 12.73
N SER A 455 20.93 -21.92 12.32
CA SER A 455 20.43 -20.76 13.04
C SER A 455 18.97 -20.49 12.68
N PRO A 456 18.15 -20.08 13.64
CA PRO A 456 16.77 -19.68 13.30
C PRO A 456 16.72 -18.55 12.29
N LYS A 457 17.73 -17.68 12.29
CA LYS A 457 17.79 -16.52 11.43
C LYS A 457 18.33 -16.84 10.04
N TYR A 458 18.75 -18.09 9.80
CA TYR A 458 19.42 -18.42 8.55
C TYR A 458 18.56 -18.11 7.32
N GLU A 459 17.29 -18.50 7.35
CA GLU A 459 16.45 -18.35 6.16
C GLU A 459 16.17 -16.88 5.84
N THR A 460 16.21 -16.01 6.85
CA THR A 460 15.99 -14.59 6.62
C THR A 460 16.98 -14.02 5.61
N TYR A 461 18.21 -14.53 5.60
CA TYR A 461 19.30 -13.91 4.86
C TYR A 461 19.75 -14.72 3.66
N GLN A 462 18.95 -15.70 3.23
CA GLN A 462 19.17 -16.38 1.95
C GLN A 462 18.66 -15.53 0.81
N ASN A 463 19.42 -15.51 -0.29
CA ASN A 463 18.99 -14.86 -1.54
C ASN A 463 18.70 -13.37 -1.34
N ARG A 464 19.57 -12.69 -0.61
CA ARG A 464 19.45 -11.25 -0.39
C ARG A 464 20.50 -10.50 -1.21
N ILE A 465 20.27 -9.21 -1.39
CA ILE A 465 21.24 -8.31 -2.02
C ILE A 465 21.52 -7.14 -1.10
N THR A 466 22.65 -6.47 -1.34
CA THR A 466 22.93 -5.18 -0.73
C THR A 466 22.94 -4.07 -1.78
N TYR A 467 22.67 -2.84 -1.32
CA TYR A 467 22.61 -1.66 -2.19
C TYR A 467 23.87 -0.82 -2.02
N ARG A 468 24.52 -0.46 -3.13
CA ARG A 468 25.77 0.29 -3.05
C ARG A 468 25.58 1.73 -3.51
N GLN A 469 24.50 2.38 -3.06
CA GLN A 469 24.22 3.71 -3.57
C GLN A 469 25.23 4.76 -3.12
N TYR A 470 26.02 4.46 -2.09
CA TYR A 470 27.04 5.35 -1.51
C TYR A 470 28.33 5.39 -2.30
N ASN A 471 28.49 4.54 -3.32
CA ASN A 471 29.82 4.30 -3.86
C ASN A 471 30.26 5.34 -4.90
N GLY A 472 29.47 6.38 -5.12
CA GLY A 472 29.90 7.48 -5.96
C GLY A 472 29.60 7.34 -7.45
N LYS A 473 29.08 6.20 -7.89
CA LYS A 473 28.76 6.07 -9.31
C LYS A 473 27.60 7.00 -9.68
N ILE A 474 26.61 7.11 -8.80
CA ILE A 474 25.47 7.99 -8.96
C ILE A 474 25.57 9.08 -7.91
N GLU A 475 25.44 10.33 -8.34
CA GLU A 475 25.40 11.46 -7.43
C GLU A 475 23.94 11.92 -7.34
N TYR A 476 23.50 12.20 -6.12
CA TYR A 476 22.14 12.65 -5.84
C TYR A 476 22.16 14.17 -5.77
N ILE A 477 21.50 14.84 -6.71
CA ILE A 477 21.67 16.29 -6.84
C ILE A 477 20.63 17.04 -6.00
N ARG A 478 19.35 16.81 -6.26
CA ARG A 478 18.33 17.54 -5.52
C ARG A 478 16.97 16.89 -5.68
N LEU A 479 16.05 17.32 -4.80
CA LEU A 479 14.63 17.06 -4.90
C LEU A 479 14.00 18.14 -5.79
N LEU A 480 13.27 17.71 -6.82
CA LEU A 480 12.66 18.69 -7.74
C LEU A 480 11.22 19.00 -7.38
N GLY A 481 10.58 18.17 -6.57
CA GLY A 481 9.18 18.30 -6.24
C GLY A 481 8.50 16.96 -6.21
N TYR A 482 7.17 16.98 -6.13
CA TYR A 482 6.36 15.78 -5.98
C TYR A 482 5.32 15.69 -7.10
N ALA A 483 5.15 14.49 -7.66
CA ALA A 483 4.07 14.24 -8.60
C ALA A 483 2.89 13.60 -7.88
N SER A 484 1.69 14.04 -8.24
CA SER A 484 0.49 13.46 -7.65
C SER A 484 0.37 11.97 -7.99
N ASN A 485 -0.09 11.19 -7.02
CA ASN A 485 -0.39 9.78 -7.21
C ASN A 485 -1.81 9.55 -7.72
N GLU A 486 -2.55 10.62 -7.97
CA GLU A 486 -3.92 10.47 -8.44
C GLU A 486 -4.24 11.58 -9.43
N ASP A 487 -5.25 11.32 -10.25
CA ASP A 487 -5.69 12.25 -11.28
C ASP A 487 -6.40 13.42 -10.60
N LEU A 488 -5.79 14.59 -10.64
CA LEU A 488 -6.32 15.77 -9.97
C LEU A 488 -7.10 16.67 -10.94
N SER A 489 -7.53 16.13 -12.08
CA SER A 489 -8.26 16.93 -13.05
C SER A 489 -9.48 17.59 -12.41
N ASN A 490 -9.65 18.87 -12.72
CA ASN A 490 -10.75 19.66 -12.20
C ASN A 490 -11.15 20.69 -13.26
N GLU A 491 -12.09 21.56 -12.90
CA GLU A 491 -12.59 22.53 -13.89
C GLU A 491 -11.53 23.54 -14.31
N GLU A 492 -10.45 23.67 -13.54
CA GLU A 492 -9.38 24.61 -13.87
C GLU A 492 -8.25 23.95 -14.65
N THR A 493 -7.85 22.74 -14.26
CA THR A 493 -6.62 22.11 -14.75
C THR A 493 -6.85 20.64 -15.06
N GLN A 494 -6.44 20.21 -16.25
CA GLN A 494 -6.41 18.79 -16.60
C GLN A 494 -5.09 18.15 -16.15
N TYR A 495 -5.17 16.91 -15.67
CA TYR A 495 -4.00 16.11 -15.35
C TYR A 495 -3.90 14.91 -16.28
N THR A 496 -2.67 14.44 -16.50
CA THR A 496 -2.42 13.25 -17.31
C THR A 496 -1.27 12.46 -16.68
N LEU A 497 -1.16 11.18 -17.05
CA LEU A 497 -0.04 10.39 -16.55
C LEU A 497 1.26 10.92 -17.13
N LEU A 498 2.28 11.08 -16.26
CA LEU A 498 3.60 11.51 -16.72
C LEU A 498 4.12 10.64 -17.85
N ASP A 499 3.78 9.34 -17.83
CA ASP A 499 4.19 8.41 -18.87
C ASP A 499 3.84 8.90 -20.27
N ASN A 500 2.68 9.56 -20.42
CA ASN A 500 2.21 10.04 -21.71
C ASN A 500 3.05 11.16 -22.27
N LEU A 501 3.90 11.79 -21.44
CA LEU A 501 4.66 12.95 -21.84
C LEU A 501 6.11 12.63 -22.20
N ILE A 502 6.56 11.41 -21.96
CA ILE A 502 7.99 11.09 -22.05
C ILE A 502 8.36 10.76 -23.48
N VAL A 503 9.32 11.50 -24.03
CA VAL A 503 9.91 11.21 -25.33
C VAL A 503 11.23 10.45 -25.20
N ASP A 504 12.02 10.77 -24.18
CA ASP A 504 13.34 10.16 -23.97
C ASP A 504 13.36 9.54 -22.57
N ASN A 505 13.15 8.23 -22.51
CA ASN A 505 13.06 7.56 -21.21
C ASN A 505 14.42 7.32 -20.56
N THR A 506 15.50 7.81 -21.16
CA THR A 506 16.80 7.83 -20.47
C THR A 506 17.00 9.09 -19.65
N LYS A 507 16.18 10.12 -19.86
CA LYS A 507 16.30 11.39 -19.15
C LYS A 507 15.21 11.58 -18.10
N VAL A 508 14.04 10.98 -18.35
CA VAL A 508 12.93 10.94 -17.40
C VAL A 508 12.63 9.47 -17.22
N VAL A 509 12.99 8.93 -16.07
CA VAL A 509 13.13 7.50 -15.88
C VAL A 509 12.04 7.00 -14.95
N LEU A 510 11.10 6.23 -15.49
CA LEU A 510 10.08 5.54 -14.70
C LEU A 510 10.33 4.04 -14.79
N THR A 511 10.82 3.45 -13.71
CA THR A 511 11.03 2.01 -13.66
C THR A 511 9.72 1.31 -13.33
N THR A 512 9.76 -0.03 -13.32
CA THR A 512 8.54 -0.85 -13.31
C THR A 512 7.53 -0.42 -12.24
N GLU A 513 8.00 -0.18 -11.01
CA GLU A 513 7.09 0.13 -9.92
C GLU A 513 6.44 1.49 -10.03
N TYR A 514 6.90 2.34 -10.95
CA TYR A 514 6.36 3.69 -11.08
C TYR A 514 5.63 3.91 -12.41
N LEU A 515 5.49 2.87 -13.21
CA LEU A 515 4.78 2.98 -14.48
C LEU A 515 3.30 3.26 -14.24
N ASN A 516 2.77 4.23 -14.98
CA ASN A 516 1.34 4.53 -14.98
C ASN A 516 0.80 4.82 -13.58
N LYS A 517 1.60 5.56 -12.79
CA LYS A 517 1.21 5.90 -11.42
C LYS A 517 1.20 7.39 -11.12
N LEU A 518 1.98 8.19 -11.84
CA LEU A 518 2.27 9.58 -11.50
C LEU A 518 1.57 10.52 -12.45
N TRP A 519 0.92 11.56 -11.91
CA TRP A 519 0.10 12.49 -12.66
C TRP A 519 0.66 13.91 -12.56
N VAL A 520 0.65 14.63 -13.69
CA VAL A 520 1.05 16.04 -13.72
C VAL A 520 0.09 16.80 -14.63
N PRO A 521 0.05 18.12 -14.50
CA PRO A 521 -0.84 18.91 -15.37
C PRO A 521 -0.53 18.70 -16.84
N LEU A 522 -1.59 18.64 -17.66
CA LEU A 522 -1.48 18.47 -19.10
C LEU A 522 -1.46 19.83 -19.78
N TYR A 523 -0.49 20.03 -20.67
CA TYR A 523 -0.42 21.25 -21.45
C TYR A 523 -1.23 21.07 -22.73
N ASN B 14 -6.48 -28.61 14.45
CA ASN B 14 -5.54 -29.44 13.70
C ASN B 14 -5.39 -28.93 12.26
N ILE B 15 -4.32 -29.37 11.61
CA ILE B 15 -4.07 -29.05 10.22
C ILE B 15 -4.48 -30.28 9.42
N GLU B 16 -5.65 -30.20 8.79
CA GLU B 16 -6.18 -31.34 8.06
C GLU B 16 -5.42 -31.51 6.75
N ASN B 17 -5.50 -32.72 6.20
CA ASN B 17 -4.97 -32.95 4.87
C ASN B 17 -5.95 -32.45 3.83
N LEU B 18 -5.42 -31.98 2.71
CA LEU B 18 -6.22 -31.66 1.53
C LEU B 18 -5.66 -32.49 0.38
N SER B 19 -6.42 -33.49 -0.06
CA SER B 19 -6.02 -34.27 -1.22
C SER B 19 -6.01 -33.40 -2.48
N ILE B 20 -4.98 -33.55 -3.31
CA ILE B 20 -4.95 -32.77 -4.54
C ILE B 20 -5.98 -33.28 -5.54
N HIS B 21 -6.53 -34.47 -5.30
CA HIS B 21 -7.63 -35.03 -6.09
C HIS B 21 -9.00 -34.77 -5.48
N GLN B 22 -9.09 -33.94 -4.44
CA GLN B 22 -10.39 -33.46 -3.98
C GLN B 22 -10.85 -32.42 -4.99
N SER B 23 -11.77 -32.80 -5.88
CA SER B 23 -12.21 -31.86 -6.89
C SER B 23 -13.03 -30.76 -6.24
N PRO B 24 -12.87 -29.50 -6.67
CA PRO B 24 -13.79 -28.46 -6.17
C PRO B 24 -15.24 -28.79 -6.41
N THR B 25 -15.54 -29.57 -7.45
CA THR B 25 -16.93 -29.91 -7.71
C THR B 25 -17.56 -30.76 -6.62
N GLU B 26 -16.75 -31.37 -5.74
CA GLU B 26 -17.32 -32.19 -4.68
C GLU B 26 -18.01 -31.36 -3.59
N ALA B 27 -17.81 -30.05 -3.58
CA ALA B 27 -18.45 -29.15 -2.62
C ALA B 27 -18.08 -29.49 -1.17
N LEU B 28 -16.82 -29.86 -0.95
CA LEU B 28 -16.35 -30.27 0.36
C LEU B 28 -15.32 -29.32 0.96
N ASP B 29 -15.04 -28.17 0.33
CA ASP B 29 -13.92 -27.32 0.73
C ASP B 29 -14.31 -26.41 1.89
N SER B 30 -14.55 -27.03 3.05
CA SER B 30 -15.25 -26.38 4.16
C SER B 30 -14.44 -25.30 4.86
N THR B 31 -13.13 -25.24 4.68
CA THR B 31 -12.32 -24.21 5.33
C THR B 31 -11.85 -23.12 4.39
N PHE B 32 -12.25 -23.17 3.11
CA PHE B 32 -11.84 -22.14 2.17
C PHE B 32 -12.77 -20.94 2.15
N PHE B 33 -13.71 -20.85 3.08
CA PHE B 33 -14.71 -19.78 3.06
C PHE B 33 -14.85 -19.10 4.42
N HIS B 34 -13.86 -19.28 5.31
CA HIS B 34 -13.90 -18.65 6.61
C HIS B 34 -13.91 -17.13 6.51
N HIS B 35 -13.39 -16.56 5.43
CA HIS B 35 -13.29 -15.11 5.30
C HIS B 35 -14.56 -14.46 4.76
N VAL B 36 -15.54 -15.25 4.33
CA VAL B 36 -16.79 -14.66 3.83
C VAL B 36 -17.62 -14.16 5.01
N PRO B 37 -18.06 -12.91 5.01
CA PRO B 37 -18.86 -12.41 6.14
C PRO B 37 -20.10 -13.26 6.35
N LEU B 38 -20.32 -13.66 7.61
CA LEU B 38 -21.49 -14.41 8.01
C LEU B 38 -22.49 -13.41 8.58
N LYS B 39 -23.62 -13.25 7.88
CA LYS B 39 -24.62 -12.28 8.29
C LYS B 39 -25.48 -12.86 9.40
N ASP B 40 -25.50 -12.15 10.53
CA ASP B 40 -26.30 -12.47 11.70
C ASP B 40 -27.50 -11.53 11.69
N TYR B 41 -28.71 -12.07 11.80
CA TYR B 41 -29.92 -11.27 11.65
C TYR B 41 -30.48 -10.89 13.02
N GLY B 42 -30.87 -9.61 13.15
CA GLY B 42 -31.45 -9.14 14.41
C GLY B 42 -32.94 -9.47 14.52
N ASN B 43 -33.60 -9.73 13.41
CA ASN B 43 -35.08 -9.95 13.45
C ASN B 43 -35.52 -11.12 12.56
N LEU B 44 -34.68 -11.53 11.62
CA LEU B 44 -35.10 -12.57 10.66
C LEU B 44 -34.96 -13.99 11.22
N ILE B 45 -35.99 -14.81 10.99
CA ILE B 45 -35.99 -16.20 11.44
C ILE B 45 -35.91 -17.09 10.20
N THR B 46 -34.88 -17.94 10.15
CA THR B 46 -34.72 -18.80 8.98
C THR B 46 -35.22 -20.22 9.28
N PRO B 47 -35.92 -20.83 8.31
CA PRO B 47 -36.23 -22.26 8.43
C PRO B 47 -35.02 -23.13 8.18
N SER B 48 -35.15 -24.40 8.60
CA SER B 48 -34.03 -25.33 8.51
C SER B 48 -34.40 -26.65 7.83
N ASN B 49 -35.55 -26.72 7.16
CA ASN B 49 -36.03 -27.97 6.59
C ASN B 49 -36.52 -27.79 5.17
N ASN B 50 -35.89 -26.89 4.41
CA ASN B 50 -36.51 -26.43 3.17
C ASN B 50 -35.49 -26.16 2.06
N THR B 51 -34.32 -26.80 2.10
CA THR B 51 -33.29 -26.59 1.09
C THR B 51 -32.72 -27.91 0.61
N THR B 52 -32.62 -28.07 -0.70
CA THR B 52 -31.86 -29.17 -1.28
C THR B 52 -30.66 -28.63 -2.05
N PHE B 53 -29.60 -29.45 -2.10
CA PHE B 53 -28.41 -29.16 -2.87
C PHE B 53 -27.93 -30.43 -3.58
N THR B 54 -27.43 -30.27 -4.80
CA THR B 54 -26.82 -31.41 -5.46
C THR B 54 -25.86 -30.93 -6.54
N THR B 55 -24.85 -31.74 -6.82
CA THR B 55 -24.04 -31.59 -8.03
C THR B 55 -24.38 -32.62 -9.10
N ASN B 56 -25.33 -33.50 -8.83
CA ASN B 56 -25.89 -34.40 -9.84
C ASN B 56 -26.43 -33.59 -11.01
N TYR B 57 -26.11 -34.00 -12.23
CA TYR B 57 -26.61 -33.28 -13.40
C TYR B 57 -28.13 -33.33 -13.48
N GLU B 58 -28.78 -32.20 -13.21
CA GLU B 58 -30.24 -32.09 -13.21
C GLU B 58 -30.61 -30.85 -14.03
N PRO B 59 -30.81 -30.99 -15.33
CA PRO B 59 -30.99 -29.82 -16.19
C PRO B 59 -32.35 -29.16 -16.07
N SER B 60 -32.38 -27.87 -16.47
CA SER B 60 -33.54 -27.02 -16.21
C SER B 60 -34.74 -27.36 -17.07
N GLY B 61 -34.52 -27.77 -18.32
CA GLY B 61 -35.60 -27.89 -19.27
C GLY B 61 -36.03 -26.59 -19.90
N SER B 62 -35.35 -25.48 -19.60
CA SER B 62 -35.69 -24.17 -20.14
C SER B 62 -35.21 -24.06 -21.58
N SER B 63 -35.80 -23.12 -22.31
CA SER B 63 -35.36 -22.87 -23.67
C SER B 63 -34.12 -21.97 -23.67
N TRP B 64 -33.11 -22.37 -24.44
CA TRP B 64 -31.84 -21.65 -24.54
C TRP B 64 -31.52 -21.34 -26.00
N GLY B 65 -30.47 -20.56 -26.21
CA GLY B 65 -29.94 -20.30 -27.55
C GLY B 65 -29.73 -21.58 -28.33
N GLU B 66 -29.84 -21.53 -29.65
CA GLU B 66 -30.02 -22.78 -30.38
C GLU B 66 -28.79 -23.68 -30.38
N VAL B 67 -27.58 -23.14 -30.18
CA VAL B 67 -26.38 -23.97 -30.17
C VAL B 67 -26.01 -24.51 -28.79
N LEU B 68 -26.73 -24.10 -27.74
CA LEU B 68 -26.29 -24.38 -26.38
C LEU B 68 -26.68 -25.78 -25.91
N ASP B 69 -25.81 -26.34 -25.07
CA ASP B 69 -26.02 -27.63 -24.42
C ASP B 69 -25.80 -27.40 -22.94
N GLU B 70 -26.86 -27.55 -22.15
CA GLU B 70 -26.79 -27.26 -20.71
C GLU B 70 -25.75 -28.12 -19.99
N GLN B 71 -25.36 -29.27 -20.55
CA GLN B 71 -24.30 -30.06 -19.94
C GLN B 71 -22.97 -29.32 -19.93
N ASN B 72 -22.79 -28.35 -20.82
CA ASN B 72 -21.54 -27.61 -20.87
C ASN B 72 -21.42 -26.55 -19.78
N VAL B 73 -22.52 -26.20 -19.13
CA VAL B 73 -22.49 -25.11 -18.14
C VAL B 73 -22.84 -25.57 -16.73
N TYR B 74 -23.62 -26.63 -16.58
CA TYR B 74 -24.16 -26.95 -15.26
C TYR B 74 -23.07 -27.32 -14.25
N LEU B 75 -23.17 -26.74 -13.05
CA LEU B 75 -22.32 -27.10 -11.92
C LEU B 75 -23.10 -27.66 -10.74
N ALA B 76 -24.14 -26.96 -10.29
CA ALA B 76 -24.85 -27.42 -9.11
C ALA B 76 -26.23 -26.77 -9.05
N ARG B 77 -27.09 -27.35 -8.23
CA ARG B 77 -28.48 -26.95 -8.10
C ARG B 77 -28.86 -26.79 -6.64
N LEU B 78 -29.39 -25.61 -6.30
CA LEU B 78 -29.86 -25.28 -4.96
C LEU B 78 -31.34 -24.94 -5.07
N LYS B 79 -32.19 -25.66 -4.32
CA LYS B 79 -33.63 -25.45 -4.45
C LYS B 79 -34.25 -25.19 -3.09
N HIS B 80 -35.12 -24.17 -3.04
CA HIS B 80 -35.87 -23.83 -1.84
C HIS B 80 -37.26 -24.44 -1.93
N ILE B 81 -37.59 -25.33 -1.00
CA ILE B 81 -38.83 -26.10 -0.99
C ILE B 81 -39.90 -25.30 -0.24
N SER B 82 -40.97 -24.94 -0.94
CA SER B 82 -41.98 -24.10 -0.29
C SER B 82 -43.33 -24.25 -1.00
N ASN B 83 -44.20 -23.26 -0.79
CA ASN B 83 -45.45 -23.16 -1.53
C ASN B 83 -45.16 -22.72 -2.96
N SER B 84 -46.23 -22.65 -3.77
CA SER B 84 -46.07 -22.39 -5.19
C SER B 84 -45.54 -20.99 -5.46
N ASN B 85 -45.77 -20.03 -4.54
CA ASN B 85 -45.29 -18.67 -4.77
C ASN B 85 -43.81 -18.50 -4.43
N ASN B 86 -43.33 -19.18 -3.39
CA ASN B 86 -42.02 -18.87 -2.84
C ASN B 86 -40.98 -19.94 -3.12
N THR B 87 -41.37 -21.06 -3.76
CA THR B 87 -40.39 -22.04 -4.24
C THR B 87 -39.52 -21.42 -5.32
N TRP B 88 -38.21 -21.62 -5.20
CA TRP B 88 -37.29 -21.20 -6.25
C TRP B 88 -36.22 -22.26 -6.45
N ASP B 89 -35.67 -22.26 -7.66
CA ASP B 89 -34.81 -23.34 -8.16
C ASP B 89 -33.62 -22.67 -8.84
N LEU B 90 -32.45 -22.76 -8.22
CA LEU B 90 -31.27 -21.99 -8.58
C LEU B 90 -30.22 -22.93 -9.16
N ARG B 91 -29.82 -22.69 -10.40
CA ARG B 91 -28.78 -23.51 -11.01
C ARG B 91 -27.53 -22.67 -11.24
N ILE B 92 -26.42 -23.11 -10.67
CA ILE B 92 -25.13 -22.43 -10.76
C ILE B 92 -24.32 -23.07 -11.87
N GLY B 93 -23.63 -22.24 -12.65
CA GLY B 93 -22.82 -22.70 -13.76
C GLY B 93 -21.35 -22.85 -13.38
N LYS B 94 -20.58 -23.32 -14.37
CA LYS B 94 -19.18 -23.67 -14.11
C LYS B 94 -18.36 -22.46 -13.68
N GLY B 95 -18.77 -21.24 -14.05
CA GLY B 95 -18.11 -20.04 -13.62
C GLY B 95 -18.62 -19.48 -12.29
N GLY B 96 -19.48 -20.22 -11.61
CA GLY B 96 -20.08 -19.73 -10.38
C GLY B 96 -21.26 -18.82 -10.59
N GLN B 97 -21.72 -18.65 -11.82
CA GLN B 97 -22.76 -17.69 -12.15
C GLN B 97 -24.14 -18.34 -11.99
N ILE B 98 -25.17 -17.51 -11.85
CA ILE B 98 -26.54 -18.04 -11.94
C ILE B 98 -26.90 -18.07 -13.41
N TYR B 99 -27.00 -19.28 -13.98
CA TYR B 99 -27.40 -19.36 -15.38
C TYR B 99 -28.85 -19.76 -15.57
N SER B 100 -29.49 -20.30 -14.53
CA SER B 100 -30.92 -20.64 -14.55
C SER B 100 -31.49 -20.38 -13.17
N PHE B 101 -32.67 -19.76 -13.13
CA PHE B 101 -33.24 -19.31 -11.86
C PHE B 101 -34.75 -19.32 -12.07
N ILE B 102 -35.38 -20.38 -11.58
CA ILE B 102 -36.80 -20.65 -11.83
C ILE B 102 -37.60 -20.28 -10.58
N GLY B 103 -38.64 -19.48 -10.76
CA GLY B 103 -39.50 -19.06 -9.68
C GLY B 103 -40.96 -19.17 -10.06
N PRO B 104 -41.83 -18.43 -9.39
CA PRO B 104 -43.26 -18.55 -9.68
C PRO B 104 -43.63 -18.06 -11.08
N TYR B 105 -42.73 -17.31 -11.73
CA TYR B 105 -42.84 -16.78 -13.09
C TYR B 105 -42.21 -17.69 -14.13
N GLY B 106 -41.69 -18.85 -13.73
CA GLY B 106 -41.01 -19.73 -14.66
C GLY B 106 -39.52 -19.43 -14.71
N GLU B 107 -38.90 -19.63 -15.87
CA GLU B 107 -37.47 -19.36 -16.01
C GLU B 107 -37.24 -17.86 -16.05
N GLY B 108 -36.39 -17.37 -15.16
CA GLY B 108 -36.05 -15.96 -15.10
C GLY B 108 -34.76 -15.51 -15.76
N VAL B 109 -33.87 -16.44 -16.13
CA VAL B 109 -32.63 -16.04 -16.80
C VAL B 109 -32.84 -16.03 -18.31
N PRO B 110 -32.33 -15.05 -19.04
CA PRO B 110 -32.53 -14.99 -20.50
C PRO B 110 -31.94 -16.20 -21.20
N PRO B 111 -32.31 -16.44 -22.46
CA PRO B 111 -31.90 -17.69 -23.14
C PRO B 111 -30.47 -17.74 -23.61
N SER B 112 -29.72 -16.62 -23.61
CA SER B 112 -28.41 -16.52 -24.27
C SER B 112 -28.53 -16.86 -25.76
N SER B 113 -29.25 -15.97 -26.45
CA SER B 113 -29.62 -16.19 -27.85
C SER B 113 -28.44 -16.04 -28.82
N LYS B 114 -27.36 -15.37 -28.42
CA LYS B 114 -26.27 -15.04 -29.33
C LYS B 114 -25.20 -16.12 -29.23
N SER B 115 -24.80 -16.67 -30.39
CA SER B 115 -23.90 -17.82 -30.38
C SER B 115 -22.56 -17.50 -29.72
N HIS B 116 -22.10 -16.25 -29.77
CA HIS B 116 -20.80 -15.94 -29.17
C HIS B 116 -20.87 -15.60 -27.68
N SER B 117 -22.06 -15.59 -27.09
CA SER B 117 -22.24 -15.22 -25.69
C SER B 117 -23.08 -16.32 -25.02
N GLN B 118 -22.39 -17.33 -24.45
CA GLN B 118 -23.00 -18.58 -24.01
C GLN B 118 -23.03 -18.62 -22.48
N TRP B 119 -24.13 -18.11 -21.90
CA TRP B 119 -24.25 -18.01 -20.44
C TRP B 119 -23.08 -17.25 -19.81
N ASN B 120 -22.60 -16.21 -20.49
CA ASN B 120 -21.49 -15.44 -19.94
C ASN B 120 -21.77 -13.94 -19.82
N ASP B 121 -22.96 -13.48 -20.22
CA ASP B 121 -23.29 -12.07 -20.18
C ASP B 121 -24.62 -11.91 -19.45
N GLU B 122 -25.72 -12.31 -20.11
CA GLU B 122 -27.05 -12.27 -19.53
C GLU B 122 -27.25 -13.44 -18.54
N VAL B 123 -26.39 -13.44 -17.53
CA VAL B 123 -26.47 -14.34 -16.38
C VAL B 123 -26.07 -13.50 -15.17
N TRP B 124 -26.50 -13.92 -13.99
CA TRP B 124 -26.17 -13.18 -12.77
C TRP B 124 -24.74 -13.48 -12.35
N GLN B 125 -23.92 -12.44 -12.23
CA GLN B 125 -22.49 -12.61 -12.02
C GLN B 125 -21.89 -11.33 -11.51
N PRO B 126 -20.79 -11.40 -10.77
CA PRO B 126 -19.94 -10.22 -10.62
C PRO B 126 -19.13 -9.96 -11.87
N VAL B 127 -18.85 -8.68 -12.10
CA VAL B 127 -17.97 -8.24 -13.18
C VAL B 127 -17.13 -7.09 -12.63
N SER B 128 -15.87 -7.02 -13.04
CA SER B 128 -15.03 -5.92 -12.59
C SER B 128 -14.21 -5.37 -13.75
N VAL B 129 -14.00 -4.05 -13.71
CA VAL B 129 -13.32 -3.30 -14.77
C VAL B 129 -12.21 -2.46 -14.13
N SER B 130 -11.02 -2.50 -14.72
CA SER B 130 -9.98 -1.51 -14.41
C SER B 130 -10.13 -0.34 -15.38
N GLY B 131 -10.63 0.79 -14.88
CA GLY B 131 -10.75 1.97 -15.72
C GLY B 131 -9.43 2.49 -16.23
N SER B 132 -8.33 2.22 -15.51
CA SER B 132 -7.03 2.65 -15.99
C SER B 132 -6.66 1.97 -17.30
N LEU B 133 -7.08 0.71 -17.47
CA LEU B 133 -6.62 -0.11 -18.58
C LEU B 133 -7.69 -0.34 -19.64
N ASN B 134 -8.96 -0.30 -19.28
CA ASN B 134 -10.02 -0.58 -20.22
C ASN B 134 -10.03 0.41 -21.38
N ASN B 135 -10.28 -0.10 -22.59
CA ASN B 135 -10.37 0.70 -23.81
C ASN B 135 -11.56 0.19 -24.60
N GLY B 136 -12.65 0.96 -24.65
CA GLY B 136 -13.84 0.50 -25.35
C GLY B 136 -13.95 0.93 -26.81
N ASP B 137 -12.85 1.36 -27.42
CA ASP B 137 -12.90 1.81 -28.82
C ASP B 137 -13.46 0.74 -29.76
N GLN B 138 -14.27 1.18 -30.71
CA GLN B 138 -14.71 0.28 -31.76
C GLN B 138 -13.74 0.35 -32.93
N ASN B 139 -13.95 -0.54 -33.91
CA ASN B 139 -13.00 -0.64 -35.02
C ASN B 139 -12.91 0.66 -35.81
N ASP B 140 -13.95 1.49 -35.77
CA ASP B 140 -13.92 2.77 -36.47
C ASP B 140 -12.78 3.67 -36.03
N GLU B 141 -12.24 3.48 -34.82
CA GLU B 141 -11.16 4.30 -34.28
C GLU B 141 -9.79 3.78 -34.65
N LEU B 142 -9.72 2.64 -35.32
CA LEU B 142 -8.48 1.92 -35.53
C LEU B 142 -8.04 2.02 -36.98
N LYS B 143 -6.80 1.62 -37.23
CA LYS B 143 -6.29 1.60 -38.59
C LYS B 143 -7.09 0.61 -39.44
N GLU B 144 -6.94 0.75 -40.77
CA GLU B 144 -7.85 0.14 -41.73
C GLU B 144 -8.17 -1.33 -41.42
N GLY B 145 -7.17 -2.19 -41.47
CA GLY B 145 -7.49 -3.59 -41.32
C GLY B 145 -7.60 -4.09 -39.91
N ALA B 146 -7.55 -3.21 -38.91
CA ALA B 146 -7.36 -3.63 -37.52
C ALA B 146 -8.69 -4.00 -36.86
N THR B 147 -8.57 -4.66 -35.71
CA THR B 147 -9.69 -5.09 -34.90
C THR B 147 -9.48 -4.63 -33.46
N ASN B 148 -10.58 -4.48 -32.71
CA ASN B 148 -10.48 -4.07 -31.31
C ASN B 148 -10.40 -5.26 -30.36
N ALA B 149 -10.11 -6.46 -30.86
CA ALA B 149 -10.07 -7.63 -30.00
C ALA B 149 -9.06 -7.43 -28.87
N GLY B 150 -9.50 -7.72 -27.64
CA GLY B 150 -8.59 -7.68 -26.50
C GLY B 150 -8.41 -6.33 -25.85
N LEU B 151 -8.95 -5.25 -26.42
CA LEU B 151 -8.73 -3.91 -25.88
C LEU B 151 -9.51 -3.67 -24.60
N LYS B 152 -10.69 -4.28 -24.47
CA LYS B 152 -11.53 -4.10 -23.29
C LYS B 152 -10.98 -4.88 -22.12
N TYR B 153 -11.25 -4.39 -20.91
CA TYR B 153 -10.82 -5.05 -19.66
C TYR B 153 -12.09 -5.26 -18.84
N PHE B 154 -12.76 -6.39 -19.06
CA PHE B 154 -13.91 -6.79 -18.24
C PHE B 154 -13.63 -8.20 -17.75
N ILE B 155 -13.47 -8.37 -16.44
CA ILE B 155 -13.26 -9.68 -15.85
C ILE B 155 -14.64 -10.20 -15.43
N HIS B 156 -15.20 -11.11 -16.22
CA HIS B 156 -16.52 -11.67 -15.95
C HIS B 156 -16.44 -12.78 -14.93
N GLY B 157 -17.36 -12.76 -13.96
CA GLY B 157 -17.55 -13.94 -13.13
C GLY B 157 -17.86 -15.18 -13.95
N ALA B 158 -18.74 -15.05 -14.96
CA ALA B 158 -19.23 -16.24 -15.65
C ALA B 158 -18.16 -16.85 -16.55
N GLY B 159 -17.58 -16.06 -17.46
CA GLY B 159 -16.62 -16.59 -18.41
C GLY B 159 -16.52 -15.72 -19.65
N THR B 160 -15.80 -16.24 -20.64
CA THR B 160 -15.42 -15.45 -21.80
C THR B 160 -16.48 -15.43 -22.88
N TYR B 161 -16.39 -14.41 -23.73
CA TYR B 161 -17.05 -14.50 -25.03
C TYR B 161 -16.28 -15.50 -25.89
N LEU B 162 -16.85 -15.85 -27.04
CA LEU B 162 -16.11 -16.71 -27.94
C LEU B 162 -15.13 -15.89 -28.77
N THR B 163 -14.22 -16.61 -29.42
CA THR B 163 -13.33 -16.04 -30.42
C THR B 163 -13.09 -17.14 -31.44
N GLU B 164 -12.58 -16.76 -32.60
CA GLU B 164 -12.30 -17.72 -33.65
C GLU B 164 -11.34 -18.78 -33.13
N GLY B 165 -11.76 -20.04 -33.17
CA GLY B 165 -11.01 -21.14 -32.62
C GLY B 165 -11.52 -21.64 -31.29
N LEU B 166 -12.49 -20.96 -30.68
CA LEU B 166 -13.01 -21.34 -29.37
C LEU B 166 -14.52 -21.57 -29.52
N ASP B 167 -14.95 -22.82 -29.36
CA ASP B 167 -16.34 -23.18 -29.67
C ASP B 167 -17.30 -23.02 -28.50
N THR B 168 -16.83 -23.15 -27.26
CA THR B 168 -17.60 -22.90 -26.06
C THR B 168 -16.71 -22.12 -25.11
N PRO B 169 -17.28 -21.38 -24.16
CA PRO B 169 -16.48 -20.43 -23.40
C PRO B 169 -15.44 -21.07 -22.50
N PHE B 170 -14.43 -20.27 -22.19
CA PHE B 170 -13.63 -20.48 -20.99
C PHE B 170 -14.44 -19.94 -19.83
N TYR B 171 -15.11 -20.84 -19.10
CA TYR B 171 -15.83 -20.43 -17.88
C TYR B 171 -14.82 -20.28 -16.77
N SER B 172 -14.93 -19.19 -16.01
CA SER B 172 -14.04 -18.87 -14.90
C SER B 172 -13.80 -20.11 -14.05
N PRO B 173 -12.58 -20.65 -14.02
CA PRO B 173 -12.37 -21.99 -13.42
C PRO B 173 -12.76 -22.04 -11.96
N LEU B 174 -13.55 -23.05 -11.61
CA LEU B 174 -13.93 -23.29 -10.22
C LEU B 174 -12.72 -23.79 -9.45
N MET B 175 -12.29 -23.01 -8.44
CA MET B 175 -11.11 -23.27 -7.62
C MET B 175 -11.40 -23.97 -6.30
N ALA B 176 -12.61 -23.80 -5.75
CA ALA B 176 -13.03 -24.40 -4.49
C ALA B 176 -14.54 -24.22 -4.37
N SER B 177 -15.20 -25.12 -3.64
CA SER B 177 -16.61 -24.90 -3.36
C SER B 177 -17.01 -25.72 -2.14
N TYR B 178 -18.16 -25.37 -1.57
CA TYR B 178 -18.55 -25.97 -0.31
C TYR B 178 -20.04 -25.76 -0.13
N TYR B 179 -20.78 -26.85 0.14
CA TYR B 179 -22.16 -26.73 0.58
C TYR B 179 -22.20 -27.08 2.06
N ASN B 180 -22.73 -26.17 2.86
CA ASN B 180 -22.89 -26.43 4.29
C ASN B 180 -24.35 -26.79 4.53
N PRO B 181 -24.68 -28.05 4.84
CA PRO B 181 -26.09 -28.44 4.93
C PRO B 181 -26.78 -27.95 6.19
N THR B 182 -26.04 -27.53 7.20
CA THR B 182 -26.67 -26.92 8.35
C THR B 182 -27.02 -25.46 8.07
N GLU B 183 -26.12 -24.76 7.40
CA GLU B 183 -26.33 -23.35 7.07
C GLU B 183 -27.23 -23.14 5.85
N LYS B 184 -27.42 -24.16 5.00
CA LYS B 184 -28.19 -24.03 3.76
C LYS B 184 -27.51 -23.04 2.81
N ALA B 185 -26.18 -23.10 2.74
CA ALA B 185 -25.41 -22.14 1.96
C ALA B 185 -24.41 -22.86 1.06
N TYR B 186 -24.36 -22.46 -0.19
CA TYR B 186 -23.43 -22.96 -1.19
C TYR B 186 -22.44 -21.86 -1.53
N TYR B 187 -21.15 -22.16 -1.36
CA TYR B 187 -20.05 -21.24 -1.58
C TYR B 187 -19.25 -21.70 -2.78
N VAL B 188 -18.95 -20.78 -3.71
CA VAL B 188 -18.04 -21.07 -4.82
C VAL B 188 -16.92 -20.04 -4.84
N THR B 189 -15.72 -20.48 -5.22
CA THR B 189 -14.64 -19.56 -5.60
C THR B 189 -14.20 -19.90 -7.00
N ASN B 190 -14.20 -18.90 -7.88
CA ASN B 190 -13.79 -19.07 -9.26
C ASN B 190 -12.73 -18.05 -9.61
N TRP B 191 -11.86 -18.41 -10.55
CA TRP B 191 -10.86 -17.48 -11.07
C TRP B 191 -11.47 -16.72 -12.26
N GLY B 192 -11.75 -15.42 -12.07
CA GLY B 192 -12.48 -14.68 -13.08
C GLY B 192 -11.72 -14.59 -14.39
N ALA B 193 -12.46 -14.49 -15.48
CA ALA B 193 -11.91 -14.52 -16.83
C ALA B 193 -12.06 -13.17 -17.51
N GLN B 194 -10.96 -12.64 -18.03
CA GLN B 194 -11.04 -11.57 -19.02
C GLN B 194 -11.93 -12.04 -20.17
N ALA B 195 -13.02 -11.31 -20.42
CA ALA B 195 -14.05 -11.84 -21.32
C ALA B 195 -13.75 -11.57 -22.79
N HIS B 196 -12.91 -10.59 -23.10
CA HIS B 196 -12.69 -10.16 -24.48
C HIS B 196 -11.38 -10.73 -24.98
N LEU B 197 -11.47 -11.75 -25.83
CA LEU B 197 -10.34 -12.56 -26.25
C LEU B 197 -9.81 -12.13 -27.61
N PRO B 198 -8.53 -12.40 -27.89
CA PRO B 198 -7.47 -12.82 -26.98
C PRO B 198 -7.12 -11.65 -26.06
N SER B 199 -7.04 -11.82 -24.76
CA SER B 199 -6.90 -10.65 -23.89
C SER B 199 -5.47 -10.15 -23.80
N LEU B 200 -5.32 -8.83 -23.80
CA LEU B 200 -4.07 -8.18 -23.44
C LEU B 200 -3.66 -8.40 -21.99
N PHE B 201 -4.56 -8.92 -21.16
CA PHE B 201 -4.43 -8.81 -19.72
C PHE B 201 -4.52 -10.17 -19.04
N LYS B 202 -3.80 -10.28 -17.93
CA LYS B 202 -4.04 -11.35 -16.98
C LYS B 202 -5.30 -11.06 -16.17
N SER B 203 -5.88 -12.10 -15.60
CA SER B 203 -6.84 -11.93 -14.51
C SER B 203 -6.15 -12.17 -13.18
N GLY B 204 -6.28 -11.22 -12.27
CA GLY B 204 -5.80 -11.37 -10.91
C GLY B 204 -6.93 -11.28 -9.91
N VAL B 205 -8.09 -11.86 -10.25
CA VAL B 205 -9.28 -11.75 -9.41
C VAL B 205 -9.82 -13.15 -9.13
N LEU B 206 -10.01 -13.48 -7.86
CA LEU B 206 -10.89 -14.60 -7.49
C LEU B 206 -12.23 -14.04 -7.07
N TYR B 207 -13.29 -14.58 -7.62
CA TYR B 207 -14.65 -14.25 -7.22
C TYR B 207 -15.15 -15.34 -6.29
N THR B 208 -15.53 -14.95 -5.08
CA THR B 208 -16.14 -15.88 -4.15
C THR B 208 -17.58 -15.45 -3.94
N THR B 209 -18.51 -16.33 -4.22
CA THR B 209 -19.93 -16.02 -4.07
C THR B 209 -20.58 -17.02 -3.15
N LYS B 210 -21.36 -16.52 -2.20
CA LYS B 210 -22.11 -17.32 -1.25
C LYS B 210 -23.60 -17.22 -1.59
N TYR B 211 -24.22 -18.39 -1.82
CA TYR B 211 -25.65 -18.49 -2.12
C TYR B 211 -26.34 -19.17 -0.93
N LYS B 212 -27.11 -18.40 -0.15
CA LYS B 212 -27.67 -18.92 1.10
C LYS B 212 -29.19 -18.80 1.12
N ASP B 213 -29.87 -19.93 1.33
CA ASP B 213 -31.33 -19.94 1.46
C ASP B 213 -31.69 -19.51 2.87
N ILE B 214 -32.25 -18.31 3.02
CA ILE B 214 -32.66 -17.81 4.33
C ILE B 214 -34.17 -17.83 4.49
N GLY B 215 -34.89 -18.50 3.61
CA GLY B 215 -36.27 -18.86 3.85
C GLY B 215 -37.27 -17.91 3.20
N GLU B 216 -38.51 -18.41 3.09
CA GLU B 216 -39.69 -17.62 2.68
C GLU B 216 -39.47 -16.90 1.36
N GLY B 217 -38.73 -17.55 0.46
CA GLY B 217 -38.49 -17.05 -0.88
C GLY B 217 -37.30 -16.12 -1.01
N ILE B 218 -36.55 -15.89 0.08
CA ILE B 218 -35.40 -14.98 0.05
C ILE B 218 -34.12 -15.79 -0.12
N LEU B 219 -33.31 -15.35 -1.06
CA LEU B 219 -31.97 -15.88 -1.30
C LEU B 219 -30.97 -14.78 -0.98
N GLU B 220 -30.08 -15.05 -0.03
CA GLU B 220 -29.03 -14.13 0.38
C GLU B 220 -27.76 -14.42 -0.42
N VAL B 221 -27.25 -13.43 -1.16
CA VAL B 221 -26.09 -13.65 -2.01
C VAL B 221 -25.01 -12.65 -1.66
N THR B 222 -23.84 -13.17 -1.27
CA THR B 222 -22.69 -12.33 -0.96
C THR B 222 -21.68 -12.46 -2.08
N TYR B 223 -21.40 -11.36 -2.77
CA TYR B 223 -20.39 -11.32 -3.82
C TYR B 223 -19.10 -10.78 -3.23
N VAL B 224 -18.05 -11.61 -3.27
CA VAL B 224 -16.73 -11.25 -2.76
C VAL B 224 -15.78 -11.15 -3.95
N ILE B 225 -15.03 -10.05 -4.01
CA ILE B 225 -14.06 -9.80 -5.07
C ILE B 225 -12.69 -9.73 -4.43
N GLU B 226 -11.85 -10.72 -4.72
CA GLU B 226 -10.53 -10.84 -4.12
C GLU B 226 -9.48 -10.48 -5.16
N ASN B 227 -8.81 -9.35 -4.97
CA ASN B 227 -7.80 -8.86 -5.91
C ASN B 227 -6.43 -9.33 -5.47
N PHE B 228 -5.93 -10.39 -6.11
CA PHE B 228 -4.58 -10.89 -5.85
C PHE B 228 -3.60 -10.47 -6.94
N GLY B 229 -4.03 -9.67 -7.90
CA GLY B 229 -3.20 -9.18 -8.96
C GLY B 229 -2.62 -7.81 -8.66
N THR B 230 -2.22 -7.12 -9.73
CA THR B 230 -1.55 -5.84 -9.58
C THR B 230 -2.32 -4.67 -10.20
N ASP B 231 -3.55 -4.88 -10.65
CA ASP B 231 -4.36 -3.81 -11.19
C ASP B 231 -5.30 -3.29 -10.12
N THR B 232 -5.84 -2.09 -10.36
CA THR B 232 -6.87 -1.52 -9.50
C THR B 232 -8.21 -1.59 -10.23
N LEU B 233 -9.18 -2.24 -9.61
CA LEU B 233 -10.52 -2.32 -10.15
C LEU B 233 -11.34 -1.17 -9.60
N ASP B 234 -12.03 -0.43 -10.48
CA ASP B 234 -12.76 0.71 -9.97
C ASP B 234 -14.16 0.84 -10.57
N HIS B 235 -14.63 -0.18 -11.28
CA HIS B 235 -16.01 -0.23 -11.74
C HIS B 235 -16.47 -1.66 -11.49
N LEU B 236 -17.42 -1.83 -10.58
CA LEU B 236 -17.86 -3.15 -10.16
C LEU B 236 -19.34 -3.33 -10.48
N ASN B 237 -19.67 -4.37 -11.24
CA ASN B 237 -21.04 -4.83 -11.39
C ASN B 237 -21.26 -5.91 -10.34
N ILE B 238 -22.11 -5.63 -9.37
CA ILE B 238 -22.19 -6.49 -8.19
C ILE B 238 -23.65 -6.57 -7.75
N PRO B 239 -24.53 -7.20 -8.55
CA PRO B 239 -24.23 -8.01 -9.73
C PRO B 239 -24.45 -7.31 -11.06
N TRP B 240 -23.93 -7.93 -12.11
CA TRP B 240 -24.48 -7.81 -13.45
C TRP B 240 -25.47 -8.94 -13.66
N GLY B 241 -26.57 -8.65 -14.34
CA GLY B 241 -27.49 -9.71 -14.73
C GLY B 241 -28.74 -9.20 -15.39
N GLY B 242 -29.88 -9.67 -14.92
CA GLY B 242 -31.13 -9.24 -15.47
C GLY B 242 -32.02 -10.44 -15.72
N VAL B 243 -33.14 -10.18 -16.40
CA VAL B 243 -34.21 -11.18 -16.43
C VAL B 243 -34.64 -11.47 -17.86
N ARG B 244 -35.31 -12.62 -18.01
CA ARG B 244 -35.90 -13.03 -19.27
C ARG B 244 -37.18 -12.22 -19.47
N SER B 245 -37.16 -11.31 -20.45
CA SER B 245 -38.22 -10.32 -20.54
C SER B 245 -39.58 -10.95 -20.75
N SER B 246 -39.64 -12.04 -21.50
CA SER B 246 -40.92 -12.71 -21.76
C SER B 246 -41.51 -13.37 -20.51
N SER B 247 -40.67 -13.76 -19.54
CA SER B 247 -41.19 -14.24 -18.26
C SER B 247 -41.54 -13.09 -17.32
N LEU B 248 -40.75 -12.01 -17.35
CA LEU B 248 -40.84 -10.91 -16.37
C LEU B 248 -40.83 -9.61 -17.15
N ARG B 249 -41.97 -9.27 -17.78
CA ARG B 249 -42.07 -8.12 -18.66
C ARG B 249 -42.30 -6.81 -17.90
N GLY B 250 -42.83 -6.87 -16.68
CA GLY B 250 -43.09 -5.67 -15.90
C GLY B 250 -41.89 -5.25 -15.08
N LYS B 251 -41.55 -3.97 -15.15
CA LYS B 251 -40.36 -3.44 -14.49
C LYS B 251 -40.76 -2.37 -13.48
N PHE B 252 -40.32 -2.52 -12.24
CA PHE B 252 -40.64 -1.60 -11.15
C PHE B 252 -39.37 -1.18 -10.40
N VAL B 253 -39.30 0.09 -10.02
CA VAL B 253 -38.30 0.56 -9.07
C VAL B 253 -38.99 0.97 -7.78
N SER B 254 -38.34 0.69 -6.66
CA SER B 254 -38.82 1.17 -5.37
C SER B 254 -38.43 2.63 -5.20
N ARG B 255 -39.14 3.30 -4.29
CA ARG B 255 -38.83 4.67 -3.91
C ARG B 255 -38.71 4.78 -2.41
N PRO B 256 -38.03 5.82 -1.91
CA PRO B 256 -37.94 6.02 -0.46
C PRO B 256 -39.33 6.04 0.15
N GLY B 257 -39.51 5.29 1.22
CA GLY B 257 -40.80 5.16 1.84
C GLY B 257 -41.49 3.84 1.54
N GLY B 258 -41.03 3.09 0.54
CA GLY B 258 -41.46 1.72 0.33
C GLY B 258 -42.44 1.49 -0.80
N ASP B 259 -42.85 2.52 -1.53
CA ASP B 259 -43.74 2.27 -2.65
C ASP B 259 -42.91 1.89 -3.88
N ILE B 260 -43.61 1.43 -4.92
CA ILE B 260 -42.97 1.04 -6.18
C ILE B 260 -43.64 1.79 -7.33
N GLU B 261 -42.88 1.93 -8.42
CA GLU B 261 -43.24 2.71 -9.59
C GLU B 261 -42.82 1.94 -10.83
N ILE B 262 -43.69 1.89 -11.85
CA ILE B 262 -43.29 1.26 -13.10
C ILE B 262 -42.17 2.08 -13.76
N ILE B 263 -41.13 1.40 -14.23
CA ILE B 263 -40.10 2.03 -15.05
C ILE B 263 -40.17 1.48 -16.47
N TYR B 264 -39.59 2.24 -17.41
CA TYR B 264 -39.83 2.05 -18.83
C TYR B 264 -38.56 1.89 -19.66
N GLY B 265 -37.39 1.95 -19.04
CA GLY B 265 -36.14 1.97 -19.77
C GLY B 265 -36.01 0.82 -20.75
N GLN B 266 -35.65 1.15 -21.98
CA GLN B 266 -35.48 0.18 -23.06
C GLN B 266 -34.33 0.67 -23.92
N THR B 267 -33.37 -0.21 -24.22
CA THR B 267 -32.26 0.22 -25.06
C THR B 267 -32.71 0.44 -26.49
N GLY B 268 -32.06 1.39 -27.15
CA GLY B 268 -32.34 1.74 -28.53
C GLY B 268 -31.47 2.93 -28.90
N THR B 269 -31.75 3.52 -30.07
CA THR B 269 -31.01 4.72 -30.43
C THR B 269 -31.19 5.77 -29.34
N ASP B 270 -30.07 6.33 -28.88
CA ASP B 270 -30.07 7.40 -27.89
C ASP B 270 -30.81 7.00 -26.62
N ASN B 271 -30.67 5.75 -26.20
CA ASN B 271 -31.35 5.31 -24.99
C ASN B 271 -30.65 4.08 -24.44
N ALA B 272 -30.10 4.22 -23.24
CA ALA B 272 -29.49 3.10 -22.53
C ALA B 272 -30.34 2.63 -21.36
N GLY B 273 -31.58 3.09 -21.26
CA GLY B 273 -32.45 2.67 -20.18
C GLY B 273 -32.35 3.55 -18.95
N ASP B 274 -32.86 3.00 -17.85
CA ASP B 274 -32.90 3.69 -16.56
C ASP B 274 -31.55 3.63 -15.86
N LEU B 275 -31.20 4.70 -15.16
CA LEU B 275 -29.95 4.77 -14.41
C LEU B 275 -30.16 5.74 -13.27
N GLU B 276 -30.05 5.26 -12.03
CA GLU B 276 -30.24 6.14 -10.89
C GLU B 276 -29.36 5.70 -9.73
N ASP B 277 -28.89 6.68 -8.95
CA ASP B 277 -28.22 6.38 -7.69
C ASP B 277 -29.15 5.59 -6.76
N ILE B 278 -28.57 4.69 -5.98
CA ILE B 278 -29.46 3.79 -5.24
C ILE B 278 -30.19 4.50 -4.12
N ASP B 279 -29.71 5.66 -3.64
CA ASP B 279 -30.46 6.37 -2.61
C ASP B 279 -31.64 7.15 -3.16
N ALA B 280 -31.87 7.13 -4.47
CA ALA B 280 -33.10 7.61 -5.07
C ALA B 280 -34.17 6.52 -5.09
N THR B 281 -33.84 5.31 -4.65
CA THR B 281 -34.75 4.18 -4.63
C THR B 281 -35.08 3.83 -3.18
N GLY B 282 -35.91 2.81 -3.02
CA GLY B 282 -36.17 2.20 -1.74
C GLY B 282 -35.30 0.99 -1.47
N GLY B 283 -34.27 0.78 -2.26
CA GLY B 283 -33.33 -0.30 -2.02
C GLY B 283 -33.48 -1.51 -2.92
N TYR B 284 -34.44 -1.50 -3.85
CA TYR B 284 -34.65 -2.69 -4.69
C TYR B 284 -35.37 -2.32 -5.98
N VAL B 285 -35.36 -3.28 -6.91
CA VAL B 285 -36.21 -3.30 -8.10
C VAL B 285 -37.03 -4.57 -8.05
N ILE B 286 -38.16 -4.58 -8.75
CA ILE B 286 -38.98 -5.78 -8.89
C ILE B 286 -39.26 -6.00 -10.36
N TYR B 287 -38.99 -7.21 -10.86
CA TYR B 287 -39.48 -7.60 -12.18
C TYR B 287 -40.64 -8.56 -11.99
N ALA B 288 -41.75 -8.30 -12.67
CA ALA B 288 -42.96 -9.08 -12.48
C ALA B 288 -43.49 -9.56 -13.82
N GLN B 289 -44.31 -10.61 -13.76
CA GLN B 289 -44.80 -11.22 -15.00
C GLN B 289 -45.55 -10.21 -15.85
N ASP B 290 -46.34 -9.34 -15.21
CA ASP B 290 -46.88 -8.15 -15.87
C ASP B 290 -46.93 -7.04 -14.82
N THR B 291 -47.45 -5.88 -15.21
CA THR B 291 -47.61 -4.78 -14.27
C THR B 291 -49.04 -4.62 -13.75
N LEU B 292 -49.90 -5.60 -13.98
CA LEU B 292 -51.33 -5.38 -13.80
C LEU B 292 -51.82 -5.62 -12.38
N SER B 293 -51.17 -6.51 -11.61
CA SER B 293 -51.76 -7.00 -10.38
C SER B 293 -50.67 -7.24 -9.34
N ALA B 294 -51.00 -6.92 -8.08
CA ALA B 294 -50.11 -7.25 -6.96
C ALA B 294 -49.89 -8.75 -6.80
N SER B 295 -50.73 -9.60 -7.39
CA SER B 295 -50.53 -11.03 -7.30
C SER B 295 -49.62 -11.59 -8.41
N SER B 296 -49.15 -10.75 -9.32
CA SER B 296 -48.31 -11.23 -10.42
C SER B 296 -47.01 -11.85 -9.88
N PRO B 297 -46.61 -13.04 -10.39
CA PRO B 297 -45.33 -13.62 -9.93
C PRO B 297 -44.17 -12.68 -10.25
N ALA B 298 -43.17 -12.65 -9.36
CA ALA B 298 -42.19 -11.58 -9.39
C ALA B 298 -40.85 -12.05 -8.83
N LEU B 299 -39.81 -11.33 -9.24
CA LEU B 299 -38.45 -11.45 -8.71
C LEU B 299 -37.99 -10.08 -8.25
N GLY B 300 -37.63 -9.97 -6.97
CA GLY B 300 -37.04 -8.76 -6.43
C GLY B 300 -35.53 -8.90 -6.33
N ILE B 301 -34.82 -7.81 -6.63
CA ILE B 301 -33.38 -7.73 -6.42
C ILE B 301 -33.12 -6.54 -5.50
N VAL B 302 -32.50 -6.81 -4.36
CA VAL B 302 -32.39 -5.87 -3.26
C VAL B 302 -30.93 -5.51 -3.10
N PHE B 303 -30.62 -4.25 -3.40
CA PHE B 303 -29.26 -3.76 -3.36
C PHE B 303 -29.02 -2.64 -2.35
N GLY B 304 -30.05 -2.26 -1.58
CA GLY B 304 -29.87 -1.26 -0.55
C GLY B 304 -30.04 0.16 -1.09
N ASP B 305 -30.05 1.11 -0.16
CA ASP B 305 -30.29 2.51 -0.51
C ASP B 305 -29.29 3.45 0.14
N LYS B 306 -28.17 2.92 0.64
CA LYS B 306 -27.17 3.71 1.35
C LYS B 306 -25.87 3.76 0.55
N ILE B 307 -25.32 4.96 0.38
CA ILE B 307 -24.00 5.17 -0.22
C ILE B 307 -23.12 5.81 0.84
N LEU B 308 -22.30 5.00 1.50
CA LEU B 308 -21.59 5.44 2.71
C LEU B 308 -20.27 6.10 2.33
N THR B 309 -20.37 7.30 1.73
CA THR B 309 -19.21 7.93 1.14
C THR B 309 -18.16 8.29 2.18
N GLU B 310 -18.58 8.80 3.34
CA GLU B 310 -17.60 9.15 4.37
C GLU B 310 -16.89 7.91 4.90
N GLU B 311 -17.64 6.85 5.20
CA GLU B 311 -17.03 5.67 5.79
C GLU B 311 -16.02 5.02 4.88
N PHE B 312 -16.21 5.15 3.57
CA PHE B 312 -15.36 4.48 2.59
C PHE B 312 -14.51 5.49 1.82
N SER B 313 -14.25 6.64 2.43
CA SER B 313 -13.50 7.69 1.73
C SER B 313 -12.08 7.24 1.42
N ASP B 314 -11.51 6.34 2.22
CA ASP B 314 -10.18 5.83 1.92
C ASP B 314 -10.16 4.93 0.69
N HIS B 315 -11.32 4.50 0.23
CA HIS B 315 -11.42 3.67 -0.96
C HIS B 315 -12.05 4.40 -2.14
N ASP B 316 -12.32 5.69 -1.99
CA ASP B 316 -12.87 6.53 -3.06
C ASP B 316 -14.18 5.95 -3.60
N LEU B 317 -15.09 5.64 -2.67
CA LEU B 317 -16.47 5.30 -3.06
C LEU B 317 -17.15 6.58 -3.51
N THR B 318 -17.42 6.69 -4.81
CA THR B 318 -18.03 7.90 -5.35
C THR B 318 -19.52 7.77 -5.57
N ARG B 319 -20.01 6.58 -5.88
CA ARG B 319 -21.45 6.40 -6.10
C ARG B 319 -21.75 4.93 -6.21
N ILE B 320 -23.02 4.58 -5.95
CA ILE B 320 -23.56 3.27 -6.25
C ILE B 320 -24.88 3.52 -6.96
N TYR B 321 -25.06 2.90 -8.13
CA TYR B 321 -26.27 3.14 -8.91
C TYR B 321 -26.76 1.85 -9.54
N TYR B 322 -28.02 1.85 -9.98
CA TYR B 322 -28.54 0.73 -10.75
C TYR B 322 -28.78 1.15 -12.19
N ARG B 323 -28.78 0.16 -13.08
CA ARG B 323 -29.29 0.25 -14.43
C ARG B 323 -30.39 -0.78 -14.62
N SER B 324 -31.36 -0.42 -15.46
CA SER B 324 -32.40 -1.37 -15.90
C SER B 324 -32.77 -1.01 -17.33
N ALA B 325 -32.87 -2.01 -18.21
CA ALA B 325 -33.30 -1.72 -19.58
C ALA B 325 -33.77 -3.00 -20.25
N GLN B 326 -35.00 -3.02 -20.75
CA GLN B 326 -35.32 -4.05 -21.73
C GLN B 326 -34.44 -3.84 -22.95
N VAL B 327 -33.79 -4.91 -23.41
CA VAL B 327 -32.90 -4.80 -24.57
C VAL B 327 -33.76 -4.89 -25.82
N GLY B 328 -33.93 -3.76 -26.51
CA GLY B 328 -34.78 -3.78 -27.69
C GLY B 328 -36.26 -3.93 -27.37
N GLY B 329 -37.03 -4.18 -28.44
CA GLY B 329 -38.47 -4.32 -28.34
C GLY B 329 -38.91 -5.68 -27.82
N ASP B 330 -40.24 -5.82 -27.68
CA ASP B 330 -40.84 -7.00 -27.06
C ASP B 330 -40.60 -8.29 -27.86
N THR B 331 -40.24 -8.19 -29.14
CA THR B 331 -39.97 -9.36 -29.95
C THR B 331 -38.48 -9.59 -30.20
N ASN B 332 -37.61 -8.91 -29.47
CA ASN B 332 -36.16 -9.15 -29.65
C ASN B 332 -35.84 -10.58 -29.23
N PRO B 333 -35.24 -11.39 -30.09
CA PRO B 333 -34.86 -12.76 -29.69
C PRO B 333 -33.93 -12.81 -28.49
N ARG B 334 -33.21 -11.73 -28.18
CA ARG B 334 -32.37 -11.72 -26.99
C ARG B 334 -33.19 -11.99 -25.74
N ASP B 335 -34.43 -11.51 -25.70
CA ASP B 335 -35.36 -11.82 -24.61
C ASP B 335 -34.72 -11.51 -23.24
N TYR B 336 -34.18 -10.30 -23.14
CA TYR B 336 -33.33 -9.91 -22.03
C TYR B 336 -33.69 -8.50 -21.57
N THR B 337 -33.89 -8.36 -20.25
CA THR B 337 -33.91 -7.06 -19.60
C THR B 337 -32.69 -6.99 -18.70
N LEU B 338 -31.75 -6.12 -19.03
CA LEU B 338 -30.55 -6.02 -18.22
C LEU B 338 -30.86 -5.30 -16.91
N PHE B 339 -30.18 -5.75 -15.85
CA PHE B 339 -30.18 -5.09 -14.56
C PHE B 339 -28.78 -5.18 -14.01
N THR B 340 -28.30 -4.11 -13.36
CA THR B 340 -27.04 -4.23 -12.66
C THR B 340 -26.99 -3.21 -11.54
N THR B 341 -26.35 -3.60 -10.44
CA THR B 341 -25.90 -2.67 -9.41
C THR B 341 -24.43 -2.39 -9.65
N ILE B 342 -24.06 -1.10 -9.70
CA ILE B 342 -22.70 -0.70 -10.01
C ILE B 342 -22.15 0.09 -8.84
N ALA B 343 -20.99 -0.34 -8.33
CA ALA B 343 -20.27 0.38 -7.30
C ALA B 343 -19.05 1.01 -7.94
N LYS B 344 -18.92 2.34 -7.80
CA LYS B 344 -17.73 3.07 -8.24
C LYS B 344 -16.86 3.23 -7.00
N ILE B 345 -15.88 2.34 -6.84
CA ILE B 345 -15.03 2.28 -5.65
C ILE B 345 -13.75 1.59 -6.07
N ASP B 346 -12.64 1.91 -5.38
CA ASP B 346 -11.37 1.26 -5.69
C ASP B 346 -11.24 -0.07 -4.98
N VAL B 347 -10.92 -1.11 -5.74
CA VAL B 347 -10.45 -2.38 -5.19
C VAL B 347 -9.00 -2.50 -5.64
N LYS B 348 -8.09 -2.13 -4.76
CA LYS B 348 -6.67 -2.06 -5.05
C LYS B 348 -6.06 -3.46 -4.94
N PRO B 349 -4.84 -3.64 -5.45
CA PRO B 349 -4.12 -4.90 -5.20
C PRO B 349 -4.13 -5.25 -3.73
N LYS B 350 -4.46 -6.51 -3.44
CA LYS B 350 -4.57 -7.10 -2.11
C LYS B 350 -5.85 -6.71 -1.37
N ASP B 351 -6.73 -5.90 -1.95
CA ASP B 351 -8.05 -5.67 -1.34
C ASP B 351 -8.99 -6.84 -1.57
N ILE B 352 -9.92 -7.01 -0.66
CA ILE B 352 -11.02 -7.97 -0.78
C ILE B 352 -12.30 -7.21 -0.48
N PHE B 353 -13.15 -7.02 -1.48
CA PHE B 353 -14.40 -6.28 -1.34
C PHE B 353 -15.58 -7.25 -1.38
N TYR B 354 -16.63 -6.94 -0.60
CA TYR B 354 -17.85 -7.73 -0.70
C TYR B 354 -19.06 -6.82 -0.75
N TYR B 355 -20.15 -7.37 -1.26
CA TYR B 355 -21.44 -6.71 -1.31
C TYR B 355 -22.49 -7.82 -1.21
N ARG B 356 -23.37 -7.73 -0.19
CA ARG B 356 -24.42 -8.72 0.05
C ARG B 356 -25.74 -8.16 -0.46
N ILE B 357 -26.40 -8.91 -1.34
CA ILE B 357 -27.68 -8.52 -1.88
C ILE B 357 -28.67 -9.67 -1.67
N TYR B 358 -29.92 -9.43 -2.05
CA TYR B 358 -30.96 -10.43 -1.88
C TYR B 358 -31.75 -10.56 -3.17
N TYR B 359 -32.10 -11.79 -3.52
CA TYR B 359 -33.08 -12.08 -4.56
C TYR B 359 -34.32 -12.65 -3.89
N ILE B 360 -35.49 -12.15 -4.26
CA ILE B 360 -36.72 -12.54 -3.57
C ILE B 360 -37.73 -13.05 -4.60
N ASN B 361 -38.28 -14.24 -4.34
CA ASN B 361 -39.26 -14.88 -5.21
C ASN B 361 -40.61 -14.92 -4.53
N GLY B 362 -41.63 -14.40 -5.19
CA GLY B 362 -42.97 -14.41 -4.64
C GLY B 362 -43.93 -13.67 -5.55
N THR B 363 -45.13 -13.39 -5.05
CA THR B 363 -45.96 -12.44 -5.77
C THR B 363 -45.35 -11.05 -5.66
N ARG B 364 -45.78 -10.14 -6.55
CA ARG B 364 -45.25 -8.78 -6.48
C ARG B 364 -45.45 -8.16 -5.11
N GLU B 365 -46.64 -8.32 -4.53
CA GLU B 365 -46.88 -7.70 -3.23
C GLU B 365 -46.07 -8.38 -2.11
N GLU B 366 -45.90 -9.71 -2.17
CA GLU B 366 -44.99 -10.38 -1.22
C GLU B 366 -43.58 -9.87 -1.37
N VAL B 367 -43.12 -9.73 -2.61
CA VAL B 367 -41.74 -9.30 -2.83
C VAL B 367 -41.55 -7.89 -2.30
N GLN B 368 -42.51 -7.01 -2.54
CA GLN B 368 -42.40 -5.63 -2.06
C GLN B 368 -42.32 -5.58 -0.54
N GLU B 369 -43.19 -6.35 0.14
CA GLU B 369 -43.18 -6.37 1.60
C GLU B 369 -41.85 -6.90 2.13
N LYS B 370 -41.38 -8.01 1.56
CA LYS B 370 -40.14 -8.62 2.04
C LYS B 370 -38.94 -7.73 1.72
N ALA B 371 -38.95 -7.07 0.56
CA ALA B 371 -37.83 -6.19 0.22
C ALA B 371 -37.82 -4.95 1.08
N ASN B 372 -38.99 -4.37 1.39
CA ASN B 372 -39.00 -3.23 2.28
C ASN B 372 -38.41 -3.58 3.63
N LYS B 373 -38.58 -4.83 4.07
CA LYS B 373 -38.05 -5.28 5.35
C LYS B 373 -36.57 -5.61 5.29
N ILE B 374 -36.11 -6.27 4.22
CA ILE B 374 -34.73 -6.76 4.16
C ILE B 374 -33.74 -5.75 3.61
N LYS B 375 -34.20 -4.67 2.97
CA LYS B 375 -33.24 -3.79 2.30
C LYS B 375 -32.26 -3.18 3.29
N SER B 376 -32.64 -3.05 4.55
CA SER B 376 -31.73 -2.51 5.55
C SER B 376 -30.62 -3.47 5.93
N GLU B 377 -30.70 -4.74 5.51
CA GLU B 377 -29.71 -5.75 5.84
C GLU B 377 -28.61 -5.87 4.80
N VAL B 378 -28.76 -5.18 3.66
CA VAL B 378 -27.70 -5.12 2.66
C VAL B 378 -26.49 -4.42 3.25
N ALA B 379 -25.31 -4.92 2.94
CA ALA B 379 -24.09 -4.25 3.37
C ALA B 379 -22.97 -4.58 2.40
N TYR B 380 -21.93 -3.73 2.44
CA TYR B 380 -20.73 -3.93 1.65
C TYR B 380 -19.55 -3.46 2.48
N GLY B 381 -18.36 -3.87 2.08
CA GLY B 381 -17.18 -3.45 2.82
C GLY B 381 -15.95 -4.22 2.38
N PHE B 382 -14.87 -4.02 3.12
CA PHE B 382 -13.62 -4.70 2.82
C PHE B 382 -13.30 -5.72 3.90
N ILE B 383 -12.70 -6.82 3.47
CA ILE B 383 -12.37 -7.95 4.33
C ILE B 383 -10.86 -8.01 4.52
N THR B 384 -10.44 -8.16 5.77
CA THR B 384 -9.03 -8.30 6.12
C THR B 384 -8.89 -9.48 7.07
N PRO B 385 -8.77 -10.69 6.53
CA PRO B 385 -8.68 -11.89 7.38
C PRO B 385 -7.42 -11.90 8.23
N THR B 386 -7.51 -12.49 9.42
CA THR B 386 -6.35 -12.61 10.29
C THR B 386 -5.86 -14.05 10.34
N ILE B 387 -4.55 -14.20 10.62
CA ILE B 387 -3.97 -15.53 10.80
C ILE B 387 -4.78 -16.31 11.83
N GLU B 388 -5.24 -15.61 12.87
CA GLU B 388 -5.92 -16.29 13.98
C GLU B 388 -7.24 -16.91 13.55
N ASN B 389 -7.88 -16.35 12.53
CA ASN B 389 -9.16 -16.85 12.05
C ASN B 389 -9.01 -17.66 10.76
N THR B 390 -7.81 -18.16 10.47
CA THR B 390 -7.51 -18.85 9.23
C THR B 390 -7.00 -20.26 9.53
N SER B 391 -7.56 -21.24 8.83
CA SER B 391 -7.16 -22.63 8.96
C SER B 391 -5.98 -22.92 8.05
N MET B 392 -5.35 -24.07 8.27
CA MET B 392 -4.25 -24.52 7.43
C MET B 392 -4.54 -25.93 6.96
N VAL B 393 -3.98 -26.31 5.81
CA VAL B 393 -4.09 -27.67 5.30
C VAL B 393 -2.71 -28.16 4.91
N THR B 394 -2.56 -29.49 4.90
CA THR B 394 -1.33 -30.13 4.46
C THR B 394 -1.52 -30.68 3.05
N ILE B 395 -0.56 -30.39 2.18
CA ILE B 395 -0.43 -31.00 0.87
C ILE B 395 0.67 -32.04 0.96
N LYS B 396 0.33 -33.28 0.62
CA LYS B 396 1.24 -34.40 0.81
C LYS B 396 2.27 -34.47 -0.31
N ASN B 397 3.54 -34.52 0.08
CA ASN B 397 4.65 -34.66 -0.85
C ASN B 397 4.48 -35.88 -1.76
N GLU B 398 3.96 -36.98 -1.21
CA GLU B 398 3.76 -38.19 -1.99
C GLU B 398 2.81 -37.95 -3.17
N GLU B 399 1.78 -37.12 -2.96
CA GLU B 399 0.86 -36.79 -4.04
C GLU B 399 1.49 -35.94 -5.12
N LEU B 400 2.59 -35.25 -4.81
CA LEU B 400 3.36 -34.47 -5.76
C LEU B 400 4.57 -35.21 -6.29
N ASP B 401 4.52 -36.55 -6.26
CA ASP B 401 5.57 -37.43 -6.77
C ASP B 401 6.89 -37.17 -6.05
N ASP B 402 6.81 -36.84 -4.75
CA ASP B 402 8.00 -36.55 -3.96
C ASP B 402 8.83 -35.42 -4.56
N ALA B 403 8.15 -34.41 -5.10
CA ALA B 403 8.82 -33.26 -5.68
C ALA B 403 9.40 -32.31 -4.63
N LEU B 404 9.08 -32.51 -3.36
CA LEU B 404 9.61 -31.71 -2.27
C LEU B 404 10.40 -32.63 -1.34
N ASN B 405 11.03 -32.04 -0.32
CA ASN B 405 11.66 -32.84 0.72
C ASN B 405 10.83 -32.88 2.01
N GLN B 406 9.58 -32.42 1.95
CA GLN B 406 8.66 -32.51 3.07
C GLN B 406 7.26 -32.24 2.55
N ASP B 407 6.26 -32.70 3.30
CA ASP B 407 4.90 -32.18 3.10
C ASP B 407 4.90 -30.68 3.38
N ILE B 408 3.92 -29.97 2.80
CA ILE B 408 3.83 -28.54 3.05
C ILE B 408 2.44 -28.19 3.57
N GLN B 409 2.39 -27.08 4.31
CA GLN B 409 1.15 -26.54 4.84
C GLN B 409 0.85 -25.20 4.20
N LEU B 410 -0.43 -24.96 3.92
CA LEU B 410 -0.90 -23.73 3.28
C LEU B 410 -2.08 -23.19 4.08
N PHE B 411 -2.24 -21.87 4.06
CA PHE B 411 -3.41 -21.23 4.67
C PHE B 411 -4.60 -21.35 3.73
N THR B 412 -5.81 -21.39 4.30
CA THR B 412 -7.01 -21.52 3.47
C THR B 412 -7.86 -20.25 3.44
N SER B 413 -7.35 -19.13 3.93
CA SER B 413 -7.99 -17.84 3.74
C SER B 413 -6.98 -16.86 3.17
N PRO B 414 -7.45 -15.90 2.36
CA PRO B 414 -6.52 -14.90 1.76
C PRO B 414 -6.12 -13.79 2.72
N VAL B 415 -5.33 -14.14 3.73
CA VAL B 415 -4.74 -13.12 4.56
C VAL B 415 -3.95 -12.16 3.69
N LYS B 416 -4.08 -10.87 3.98
CA LYS B 416 -3.50 -9.82 3.13
C LYS B 416 -2.05 -10.09 2.81
N GLY B 417 -1.73 -10.12 1.51
CA GLY B 417 -0.39 -10.34 1.04
C GLY B 417 -0.06 -11.79 0.69
N MET B 418 -0.75 -12.75 1.29
CA MET B 418 -0.45 -14.14 1.02
C MET B 418 -0.81 -14.51 -0.42
N VAL B 419 -0.10 -15.51 -0.93
CA VAL B 419 -0.03 -15.81 -2.35
C VAL B 419 -0.77 -17.11 -2.62
N PRO B 420 -1.80 -17.12 -3.47
CA PRO B 420 -2.50 -18.38 -3.73
C PRO B 420 -1.67 -19.36 -4.56
N ILE B 421 -1.82 -20.64 -4.26
CA ILE B 421 -1.13 -21.74 -4.93
C ILE B 421 -2.17 -22.61 -5.64
N PHE B 422 -1.96 -22.84 -6.93
CA PHE B 422 -2.94 -23.52 -7.76
C PHE B 422 -2.41 -24.85 -8.29
N LEU B 423 -3.33 -25.82 -8.42
CA LEU B 423 -3.04 -27.07 -9.09
C LEU B 423 -3.45 -26.96 -10.56
N MET B 424 -2.53 -27.30 -11.46
CA MET B 424 -2.75 -27.19 -12.89
C MET B 424 -2.23 -28.43 -13.59
N ARG B 425 -2.70 -28.65 -14.81
CA ARG B 425 -2.36 -29.86 -15.54
C ARG B 425 -2.09 -29.53 -16.99
N ASN B 426 -1.01 -30.06 -17.52
CA ASN B 426 -0.74 -29.99 -18.95
C ASN B 426 -1.52 -31.09 -19.66
N THR B 427 -2.38 -30.71 -20.61
CA THR B 427 -3.28 -31.69 -21.22
C THR B 427 -2.62 -32.53 -22.30
N THR B 428 -1.44 -32.10 -22.79
CA THR B 428 -0.69 -32.92 -23.75
C THR B 428 0.00 -34.08 -23.04
N THR B 429 0.67 -33.79 -21.93
CA THR B 429 1.49 -34.77 -21.22
C THR B 429 0.78 -35.41 -20.03
N GLY B 430 -0.31 -34.81 -19.56
CA GLY B 430 -0.96 -35.26 -18.35
C GLY B 430 -0.28 -34.83 -17.06
N LYS B 431 0.85 -34.14 -17.13
CA LYS B 431 1.59 -33.78 -15.94
C LYS B 431 0.85 -32.73 -15.13
N GLU B 432 0.68 -33.00 -13.84
CA GLU B 432 0.09 -32.05 -12.91
C GLU B 432 1.20 -31.43 -12.07
N TYR B 433 0.99 -30.17 -11.68
CA TYR B 433 2.00 -29.42 -10.94
C TYR B 433 1.28 -28.34 -10.17
N ILE B 434 1.99 -27.76 -9.20
CA ILE B 434 1.44 -26.68 -8.38
C ILE B 434 2.29 -25.44 -8.58
N SER B 435 1.65 -24.27 -8.62
CA SER B 435 2.35 -23.03 -8.87
C SER B 435 1.47 -21.86 -8.47
N PRO B 436 2.07 -20.76 -7.98
CA PRO B 436 1.31 -19.51 -7.88
C PRO B 436 1.15 -18.79 -9.22
N ASP B 437 1.87 -19.22 -10.26
CA ASP B 437 1.85 -18.57 -11.57
C ASP B 437 0.77 -19.18 -12.45
N LEU B 438 -0.40 -18.56 -12.47
CA LEU B 438 -1.47 -19.05 -13.33
C LEU B 438 -1.12 -18.97 -14.81
N TYR B 439 -0.06 -18.24 -15.18
CA TYR B 439 0.30 -18.13 -16.59
C TYR B 439 1.61 -18.82 -16.91
N TYR B 440 2.11 -19.67 -16.01
CA TYR B 440 3.22 -20.55 -16.35
C TYR B 440 2.86 -21.42 -17.55
N ASP B 441 3.73 -21.44 -18.56
CA ASP B 441 3.59 -22.30 -19.73
C ASP B 441 2.39 -21.95 -20.58
N ILE B 442 1.73 -20.82 -20.32
CA ILE B 442 0.59 -20.41 -21.12
C ILE B 442 1.09 -19.76 -22.41
N ASP B 443 0.51 -20.18 -23.54
CA ASP B 443 0.88 -19.62 -24.82
C ASP B 443 0.59 -18.13 -24.87
N THR B 444 1.56 -17.33 -25.34
CA THR B 444 1.38 -15.91 -25.58
C THR B 444 1.77 -15.59 -27.01
N PHE B 445 1.20 -14.52 -27.54
CA PHE B 445 1.47 -14.06 -28.89
C PHE B 445 1.57 -12.55 -28.89
N PRO B 446 2.41 -11.98 -29.74
CA PRO B 446 2.54 -10.52 -29.77
C PRO B 446 1.25 -9.87 -30.25
N PHE B 447 0.99 -8.67 -29.71
CA PHE B 447 -0.24 -7.95 -30.00
C PHE B 447 0.02 -6.99 -31.15
N SER B 448 -0.78 -7.11 -32.21
CA SER B 448 -0.68 -6.17 -33.32
C SER B 448 -1.30 -4.85 -32.90
N ASN B 449 -0.49 -3.79 -32.87
CA ASN B 449 -0.96 -2.48 -32.46
C ASN B 449 -2.01 -2.01 -33.48
N PRO B 450 -3.26 -1.81 -33.08
CA PRO B 450 -4.29 -1.40 -34.03
C PRO B 450 -4.39 0.10 -34.27
N TYR B 451 -3.49 0.90 -33.71
CA TYR B 451 -3.54 2.34 -33.85
C TYR B 451 -2.50 2.83 -34.85
N GLU B 452 -2.84 3.92 -35.53
CA GLU B 452 -1.87 4.61 -36.38
C GLU B 452 -0.74 5.17 -35.53
N GLU B 453 0.42 5.32 -36.18
CA GLU B 453 1.64 5.72 -35.48
C GLU B 453 1.50 7.07 -34.79
N ASP B 454 0.62 7.94 -35.29
CA ASP B 454 0.42 9.26 -34.71
C ASP B 454 -0.78 9.33 -33.76
N SER B 455 -1.36 8.18 -33.40
CA SER B 455 -2.44 8.19 -32.43
C SER B 455 -1.88 8.45 -31.02
N PRO B 456 -2.61 9.16 -30.16
CA PRO B 456 -2.15 9.31 -28.77
C PRO B 456 -2.17 7.99 -28.01
N LYS B 457 -2.82 6.96 -28.53
CA LYS B 457 -2.85 5.65 -27.86
C LYS B 457 -1.81 4.69 -28.38
N TYR B 458 -1.03 5.08 -29.40
CA TYR B 458 -0.15 4.15 -30.09
C TYR B 458 0.88 3.54 -29.13
N GLU B 459 1.56 4.40 -28.36
CA GLU B 459 2.63 3.92 -27.49
C GLU B 459 2.09 2.93 -26.46
N THR B 460 0.85 3.12 -25.99
CA THR B 460 0.26 2.20 -25.02
C THR B 460 0.29 0.77 -25.52
N TYR B 461 0.09 0.56 -26.82
CA TYR B 461 -0.08 -0.77 -27.36
C TYR B 461 1.16 -1.28 -28.06
N GLN B 462 2.29 -0.59 -27.90
CA GLN B 462 3.58 -1.12 -28.30
C GLN B 462 4.07 -2.16 -27.31
N ASN B 463 4.79 -3.16 -27.84
CA ASN B 463 5.48 -4.16 -27.01
C ASN B 463 4.50 -4.88 -26.09
N ARG B 464 3.35 -5.25 -26.63
CA ARG B 464 2.30 -5.92 -25.88
C ARG B 464 2.13 -7.35 -26.36
N ILE B 465 1.56 -8.18 -25.48
CA ILE B 465 1.26 -9.57 -25.80
C ILE B 465 -0.17 -9.87 -25.36
N THR B 466 -0.69 -10.98 -25.86
CA THR B 466 -1.96 -11.53 -25.40
C THR B 466 -1.73 -12.91 -24.80
N TYR B 467 -2.65 -13.31 -23.92
CA TYR B 467 -2.56 -14.53 -23.13
C TYR B 467 -3.62 -15.51 -23.60
N ARG B 468 -3.20 -16.70 -24.01
CA ARG B 468 -4.15 -17.66 -24.55
C ARG B 468 -4.45 -18.79 -23.56
N GLN B 469 -4.77 -18.43 -22.32
CA GLN B 469 -4.94 -19.47 -21.31
C GLN B 469 -6.18 -20.31 -21.54
N TYR B 470 -7.07 -19.85 -22.41
CA TYR B 470 -8.31 -20.55 -22.76
C TYR B 470 -8.12 -21.60 -23.85
N ASN B 471 -6.91 -21.80 -24.37
CA ASN B 471 -6.77 -22.58 -25.59
C ASN B 471 -6.66 -24.08 -25.36
N GLY B 472 -6.87 -24.54 -24.12
CA GLY B 472 -6.91 -25.96 -23.83
C GLY B 472 -5.58 -26.62 -23.55
N LYS B 473 -4.47 -25.89 -23.68
CA LYS B 473 -3.15 -26.46 -23.39
C LYS B 473 -3.05 -26.84 -21.91
N ILE B 474 -3.52 -25.96 -21.04
CA ILE B 474 -3.43 -26.12 -19.61
C ILE B 474 -4.84 -26.16 -19.04
N GLU B 475 -5.06 -27.03 -18.06
CA GLU B 475 -6.33 -27.06 -17.35
C GLU B 475 -6.08 -26.61 -15.92
N TYR B 476 -7.01 -25.82 -15.39
CA TYR B 476 -6.91 -25.26 -14.04
C TYR B 476 -7.76 -26.13 -13.11
N ILE B 477 -7.10 -26.76 -12.13
CA ILE B 477 -7.79 -27.80 -11.37
C ILE B 477 -8.42 -27.24 -10.09
N ARG B 478 -7.63 -26.63 -9.22
CA ARG B 478 -8.18 -26.10 -7.97
C ARG B 478 -7.17 -25.17 -7.30
N LEU B 479 -7.67 -24.44 -6.31
CA LEU B 479 -6.86 -23.68 -5.38
C LEU B 479 -6.48 -24.57 -4.20
N LEU B 480 -5.17 -24.66 -3.90
CA LEU B 480 -4.73 -25.50 -2.80
C LEU B 480 -4.58 -24.74 -1.50
N GLY B 481 -4.50 -23.43 -1.55
CA GLY B 481 -4.30 -22.63 -0.37
C GLY B 481 -3.38 -21.48 -0.67
N TYR B 482 -2.91 -20.83 0.40
CA TYR B 482 -2.09 -19.64 0.32
C TYR B 482 -0.79 -19.82 1.07
N ALA B 483 0.31 -19.39 0.46
CA ALA B 483 1.61 -19.31 1.12
C ALA B 483 1.83 -17.91 1.64
N SER B 484 2.35 -17.81 2.88
CA SER B 484 2.67 -16.51 3.43
C SER B 484 3.72 -15.79 2.59
N ASN B 485 3.53 -14.48 2.43
CA ASN B 485 4.51 -13.61 1.80
C ASN B 485 5.56 -13.11 2.78
N GLU B 486 5.53 -13.59 4.02
CA GLU B 486 6.51 -13.17 5.01
C GLU B 486 6.76 -14.31 5.99
N ASP B 487 7.94 -14.27 6.58
CA ASP B 487 8.38 -15.29 7.53
C ASP B 487 7.54 -15.21 8.80
N LEU B 488 6.81 -16.28 9.10
CA LEU B 488 5.90 -16.35 10.23
C LEU B 488 6.49 -17.16 11.38
N SER B 489 7.81 -17.35 11.37
CA SER B 489 8.48 -18.09 12.44
C SER B 489 8.11 -17.52 13.80
N ASN B 490 7.90 -18.42 14.75
CA ASN B 490 7.65 -18.05 16.14
C ASN B 490 8.40 -19.05 17.02
N GLU B 491 8.00 -19.15 18.28
CA GLU B 491 8.70 -20.01 19.23
C GLU B 491 8.48 -21.49 18.95
N GLU B 492 7.41 -21.84 18.25
CA GLU B 492 7.03 -23.24 18.04
C GLU B 492 7.39 -23.73 16.64
N THR B 493 6.92 -23.04 15.60
CA THR B 493 7.13 -23.46 14.21
C THR B 493 8.04 -22.47 13.50
N GLN B 494 9.11 -22.98 12.89
CA GLN B 494 9.94 -22.16 12.03
C GLN B 494 9.42 -22.23 10.60
N TYR B 495 9.53 -21.12 9.88
CA TYR B 495 9.14 -21.01 8.49
C TYR B 495 10.38 -20.94 7.61
N THR B 496 10.26 -21.48 6.39
CA THR B 496 11.33 -21.46 5.41
C THR B 496 10.75 -21.06 4.06
N LEU B 497 11.65 -20.70 3.15
CA LEU B 497 11.23 -20.41 1.78
C LEU B 497 10.85 -21.71 1.07
N LEU B 498 9.69 -21.70 0.39
CA LEU B 498 9.28 -22.85 -0.40
C LEU B 498 10.38 -23.27 -1.36
N ASP B 499 11.11 -22.30 -1.92
CA ASP B 499 12.25 -22.57 -2.78
C ASP B 499 13.18 -23.64 -2.22
N ASN B 500 13.44 -23.59 -0.91
CA ASN B 500 14.41 -24.48 -0.27
C ASN B 500 13.95 -25.92 -0.23
N LEU B 501 12.67 -26.17 -0.50
CA LEU B 501 12.06 -27.48 -0.32
C LEU B 501 11.91 -28.22 -1.63
N ILE B 502 12.14 -27.57 -2.76
CA ILE B 502 11.81 -28.13 -4.07
C ILE B 502 12.95 -29.01 -4.57
N VAL B 503 12.61 -30.27 -4.86
CA VAL B 503 13.54 -31.22 -5.45
C VAL B 503 13.28 -31.34 -6.94
N ASP B 504 12.01 -31.25 -7.33
CA ASP B 504 11.60 -31.39 -8.72
C ASP B 504 10.84 -30.12 -9.12
N ASN B 505 11.54 -29.20 -9.78
CA ASN B 505 10.96 -27.92 -10.16
C ASN B 505 10.04 -28.00 -11.37
N THR B 506 9.74 -29.21 -11.87
CA THR B 506 8.70 -29.37 -12.87
C THR B 506 7.35 -29.66 -12.23
N LYS B 507 7.34 -30.05 -10.95
CA LYS B 507 6.11 -30.35 -10.22
C LYS B 507 5.73 -29.26 -9.25
N VAL B 508 6.70 -28.47 -8.78
CA VAL B 508 6.45 -27.31 -7.92
C VAL B 508 7.15 -26.15 -8.59
N VAL B 509 6.39 -25.24 -9.18
CA VAL B 509 6.90 -24.32 -10.20
C VAL B 509 6.90 -22.90 -9.64
N LEU B 510 8.08 -22.36 -9.41
CA LEU B 510 8.25 -20.96 -9.05
C LEU B 510 8.98 -20.26 -10.19
N THR B 511 8.26 -19.39 -10.91
CA THR B 511 8.87 -18.61 -11.96
C THR B 511 9.51 -17.35 -11.38
N THR B 512 10.15 -16.55 -12.24
CA THR B 512 11.01 -15.46 -11.80
C THR B 512 10.35 -14.57 -10.75
N GLU B 513 9.11 -14.15 -10.99
CA GLU B 513 8.47 -13.19 -10.09
C GLU B 513 8.09 -13.80 -8.75
N TYR B 514 8.19 -15.11 -8.59
CA TYR B 514 7.81 -15.76 -7.34
C TYR B 514 9.00 -16.38 -6.60
N LEU B 515 10.22 -16.14 -7.07
CA LEU B 515 11.39 -16.65 -6.39
C LEU B 515 11.61 -15.91 -5.08
N ASN B 516 11.93 -16.65 -4.03
CA ASN B 516 12.35 -16.10 -2.74
C ASN B 516 11.27 -15.23 -2.11
N LYS B 517 10.00 -15.56 -2.34
CA LYS B 517 8.90 -14.78 -1.81
C LYS B 517 7.92 -15.55 -0.95
N LEU B 518 7.83 -16.88 -1.09
CA LEU B 518 6.77 -17.66 -0.47
C LEU B 518 7.34 -18.46 0.70
N TRP B 519 6.68 -18.37 1.85
CA TRP B 519 7.13 -19.01 3.08
C TRP B 519 6.11 -20.04 3.54
N VAL B 520 6.60 -21.20 3.98
CA VAL B 520 5.79 -22.26 4.59
C VAL B 520 6.51 -22.82 5.80
N PRO B 521 5.80 -23.51 6.69
CA PRO B 521 6.46 -24.12 7.85
C PRO B 521 7.55 -25.09 7.44
N LEU B 522 8.65 -25.05 8.17
CA LEU B 522 9.78 -25.94 7.98
C LEU B 522 9.60 -27.20 8.82
N TYR B 523 9.76 -28.36 8.20
CA TYR B 523 9.72 -29.61 8.94
C TYR B 523 11.03 -29.85 9.67
#